data_7RTZ
# 
_entry.id   7RTZ 
# 
_audit_conform.dict_name       mmcif_pdbx.dic 
_audit_conform.dict_version    5.383 
_audit_conform.dict_location   http://mmcif.pdb.org/dictionaries/ascii/mmcif_pdbx.dic 
# 
loop_
_database_2.database_id 
_database_2.database_code 
_database_2.pdbx_database_accession 
_database_2.pdbx_DOI 
PDB   7RTZ         pdb_00007rtz 10.2210/pdb7rtz/pdb 
WWPDB D_1000258985 ?            ?                   
# 
_pdbx_database_status.status_code                     REL 
_pdbx_database_status.status_code_sf                  REL 
_pdbx_database_status.status_code_mr                  ? 
_pdbx_database_status.entry_id                        7RTZ 
_pdbx_database_status.recvd_initial_deposition_date   2021-08-16 
_pdbx_database_status.SG_entry                        N 
_pdbx_database_status.deposit_site                    RCSB 
_pdbx_database_status.process_site                    RCSB 
_pdbx_database_status.status_code_cs                  ? 
_pdbx_database_status.status_code_nmr_data            ? 
_pdbx_database_status.methods_development_category    ? 
_pdbx_database_status.pdb_format_compatible           Y 
# 
loop_
_audit_author.name 
_audit_author.pdbx_ordinal 
_audit_author.identifier_ORCID 
'Samdin, T.D.'   1 0000-0003-3516-9175 
'Kreutzer, A.G.' 2 0000-0002-9724-6298 
'Nowick, J.S.'   3 0000-0002-2273-1029 
# 
_citation.abstract                  ? 
_citation.abstract_id_CAS           ? 
_citation.book_id_ISBN              ? 
_citation.book_publisher            ? 
_citation.book_publisher_city       ? 
_citation.book_title                ? 
_citation.coordinate_linkage        ? 
_citation.country                   UK 
_citation.database_id_Medline       ? 
_citation.details                   ? 
_citation.id                        primary 
_citation.journal_abbrev            'Chem Sci' 
_citation.journal_id_ASTM           ? 
_citation.journal_id_CSD            ? 
_citation.journal_id_ISSN           2041-6539 
_citation.journal_full              ? 
_citation.journal_issue             ? 
_citation.journal_volume            ? 
_citation.language                  ? 
_citation.page_first                ? 
_citation.page_last                 ? 
_citation.title                     'A beta-Barrel-Like Tetramer Formed by a beta-Hairpin Derived From A beta' 
_citation.year                      2023 
_citation.database_id_CSD           ? 
_citation.pdbx_database_id_DOI      10.1039/D3SC05185D 
_citation.pdbx_database_id_PubMed   ? 
_citation.pdbx_database_id_patent   ? 
_citation.unpublished_flag          ? 
# 
loop_
_citation_author.citation_id 
_citation_author.name 
_citation_author.ordinal 
_citation_author.identifier_ORCID 
primary 'Samdin, T.D.'    1 ? 
primary 'Jones, C.R.'     2 ? 
primary 'Guaglianone, G.' 3 ? 
primary 'Kreutzer, A.G.'  4 ? 
primary 'Freites, J.A.'   5 ? 
primary 'Wierzbicki, M.'  6 ? 
primary 'Nowick, J.S.'    7 ? 
# 
_cell.angle_alpha                  90.000 
_cell.angle_alpha_esd              ? 
_cell.angle_beta                   90.000 
_cell.angle_beta_esd               ? 
_cell.angle_gamma                  90.000 
_cell.angle_gamma_esd              ? 
_cell.entry_id                     7RTZ 
_cell.details                      ? 
_cell.formula_units_Z              ? 
_cell.length_a                     44.327 
_cell.length_a_esd                 ? 
_cell.length_b                     44.327 
_cell.length_b_esd                 ? 
_cell.length_c                     64.427 
_cell.length_c_esd                 ? 
_cell.volume                       ? 
_cell.volume_esd                   ? 
_cell.Z_PDB                        16 
_cell.reciprocal_angle_alpha       ? 
_cell.reciprocal_angle_beta        ? 
_cell.reciprocal_angle_gamma       ? 
_cell.reciprocal_angle_alpha_esd   ? 
_cell.reciprocal_angle_beta_esd    ? 
_cell.reciprocal_angle_gamma_esd   ? 
_cell.reciprocal_length_a          ? 
_cell.reciprocal_length_b          ? 
_cell.reciprocal_length_c          ? 
_cell.reciprocal_length_a_esd      ? 
_cell.reciprocal_length_b_esd      ? 
_cell.reciprocal_length_c_esd      ? 
_cell.pdbx_unique_axis             ? 
# 
_symmetry.entry_id                         7RTZ 
_symmetry.cell_setting                     ? 
_symmetry.Int_Tables_number                92 
_symmetry.space_group_name_Hall            ? 
_symmetry.space_group_name_H-M             'P 41 21 2' 
_symmetry.pdbx_full_space_group_name_H-M   ? 
# 
loop_
_entity.id 
_entity.type 
_entity.src_method 
_entity.pdbx_description 
_entity.formula_weight 
_entity.pdbx_number_of_molecules 
_entity.pdbx_ec 
_entity.pdbx_mutation 
_entity.pdbx_fragment 
_entity.details 
1 polymer     syn 'Amyloid-beta protein 40' 2631.293 2  ? ? ? ? 
2 non-polymer syn 'CHLORIDE ION'            35.453   1  ? ? ? ? 
3 water       nat water                     18.015   11 ? ? ? ? 
# 
_entity_name_com.entity_id   1 
_entity_name_com.name        Abeta40,Beta-APP40 
# 
_entity_poly.entity_id                      1 
_entity_poly.type                           'polypeptide(L)' 
_entity_poly.nstd_linkage                   no 
_entity_poly.nstd_monomer                   yes 
_entity_poly.pdbx_seq_one_letter_code       '(ORN)VHHCKLVFFAE(ORN)AII(SAR)LMVCGVV' 
_entity_poly.pdbx_seq_one_letter_code_can   AVHHCKLVFFAEAAIIGLMVCGVV 
_entity_poly.pdbx_strand_id                 A,B 
_entity_poly.pdbx_target_identifier         ? 
# 
loop_
_entity_poly_seq.entity_id 
_entity_poly_seq.num 
_entity_poly_seq.mon_id 
_entity_poly_seq.hetero 
1 1  ORN n 
1 2  VAL n 
1 3  HIS n 
1 4  HIS n 
1 5  CYS n 
1 6  LYS n 
1 7  LEU n 
1 8  VAL n 
1 9  PHE n 
1 10 PHE n 
1 11 ALA n 
1 12 GLU n 
1 13 ORN n 
1 14 ALA n 
1 15 ILE n 
1 16 ILE n 
1 17 SAR n 
1 18 LEU n 
1 19 MET n 
1 20 VAL n 
1 21 CYS n 
1 22 GLY n 
1 23 VAL n 
1 24 VAL n 
# 
_pdbx_entity_src_syn.entity_id              1 
_pdbx_entity_src_syn.pdbx_src_id            1 
_pdbx_entity_src_syn.pdbx_alt_source_flag   sample 
_pdbx_entity_src_syn.pdbx_beg_seq_num       1 
_pdbx_entity_src_syn.pdbx_end_seq_num       24 
_pdbx_entity_src_syn.organism_scientific    'Homo sapiens' 
_pdbx_entity_src_syn.organism_common_name   Human 
_pdbx_entity_src_syn.ncbi_taxonomy_id       9606 
_pdbx_entity_src_syn.details                ? 
# 
_struct_ref.id                         1 
_struct_ref.db_name                    UNP 
_struct_ref.db_code                    A4_HUMAN 
_struct_ref.pdbx_db_accession          P05067 
_struct_ref.pdbx_db_isoform            ? 
_struct_ref.entity_id                  1 
_struct_ref.pdbx_seq_one_letter_code   EVHHQKLVFFAEDVGSNKGAIIGLMVGGVV 
_struct_ref.pdbx_align_begin           682 
# 
loop_
_struct_ref_seq.align_id 
_struct_ref_seq.ref_id 
_struct_ref_seq.pdbx_PDB_id_code 
_struct_ref_seq.pdbx_strand_id 
_struct_ref_seq.seq_align_beg 
_struct_ref_seq.pdbx_seq_align_beg_ins_code 
_struct_ref_seq.seq_align_end 
_struct_ref_seq.pdbx_seq_align_end_ins_code 
_struct_ref_seq.pdbx_db_accession 
_struct_ref_seq.db_align_beg 
_struct_ref_seq.pdbx_db_align_beg_ins_code 
_struct_ref_seq.db_align_end 
_struct_ref_seq.pdbx_db_align_end_ins_code 
_struct_ref_seq.pdbx_auth_seq_align_beg 
_struct_ref_seq.pdbx_auth_seq_align_end 
1 1 7RTZ A 1 ? 24 ? P05067 682 ? 711 ? 1 24 
2 1 7RTZ B 1 ? 24 ? P05067 682 ? 711 ? 1 24 
# 
loop_
_struct_ref_seq_dif.align_id 
_struct_ref_seq_dif.pdbx_pdb_id_code 
_struct_ref_seq_dif.mon_id 
_struct_ref_seq_dif.pdbx_pdb_strand_id 
_struct_ref_seq_dif.seq_num 
_struct_ref_seq_dif.pdbx_pdb_ins_code 
_struct_ref_seq_dif.pdbx_seq_db_name 
_struct_ref_seq_dif.pdbx_seq_db_accession_code 
_struct_ref_seq_dif.db_mon_id 
_struct_ref_seq_dif.pdbx_seq_db_seq_num 
_struct_ref_seq_dif.details 
_struct_ref_seq_dif.pdbx_auth_seq_num 
_struct_ref_seq_dif.pdbx_ordinal 
1 7RTZ ORN A 1  ? UNP P05067 GLU 682 conflict 1  1  
1 7RTZ CYS A 5  ? UNP P05067 GLN 686 conflict 5  2  
1 7RTZ ?   A ?  ? UNP P05067 ASP 694 deletion ?  3  
1 7RTZ ?   A ?  ? UNP P05067 VAL 695 deletion ?  4  
1 7RTZ ?   A ?  ? UNP P05067 GLY 696 deletion ?  5  
1 7RTZ ?   A ?  ? UNP P05067 SER 697 deletion ?  6  
1 7RTZ ?   A ?  ? UNP P05067 ASN 698 deletion ?  7  
1 7RTZ ?   A ?  ? UNP P05067 LYS 699 deletion ?  8  
1 7RTZ ORN A 13 ? UNP P05067 GLY 700 conflict 13 9  
1 7RTZ CYS A 21 ? UNP P05067 GLY 708 conflict 21 10 
2 7RTZ ORN B 1  ? UNP P05067 GLU 682 conflict 1  11 
2 7RTZ CYS B 5  ? UNP P05067 GLN 686 conflict 5  12 
2 7RTZ ?   B ?  ? UNP P05067 ASP 694 deletion ?  13 
2 7RTZ ?   B ?  ? UNP P05067 VAL 695 deletion ?  14 
2 7RTZ ?   B ?  ? UNP P05067 GLY 696 deletion ?  15 
2 7RTZ ?   B ?  ? UNP P05067 SER 697 deletion ?  16 
2 7RTZ ?   B ?  ? UNP P05067 ASN 698 deletion ?  17 
2 7RTZ ?   B ?  ? UNP P05067 LYS 699 deletion ?  18 
2 7RTZ ORN B 13 ? UNP P05067 GLY 700 conflict 13 19 
2 7RTZ CYS B 21 ? UNP P05067 GLY 708 conflict 21 20 
# 
loop_
_chem_comp.id 
_chem_comp.type 
_chem_comp.mon_nstd_flag 
_chem_comp.name 
_chem_comp.pdbx_synonyms 
_chem_comp.formula 
_chem_comp.formula_weight 
ALA 'L-peptide linking' y ALANINE         ? 'C3 H7 N O2'     89.093  
ASN 'L-peptide linking' y ASPARAGINE      ? 'C4 H8 N2 O3'    132.118 
ASP 'L-peptide linking' y 'ASPARTIC ACID' ? 'C4 H7 N O4'     133.103 
CL  non-polymer         . 'CHLORIDE ION'  ? 'Cl -1'          35.453  
CYS 'L-peptide linking' y CYSTEINE        ? 'C3 H7 N O2 S'   121.158 
GLN 'L-peptide linking' y GLUTAMINE       ? 'C5 H10 N2 O3'   146.144 
GLU 'L-peptide linking' y 'GLUTAMIC ACID' ? 'C5 H9 N O4'     147.129 
GLY 'peptide linking'   y GLYCINE         ? 'C2 H5 N O2'     75.067  
HIS 'L-peptide linking' y HISTIDINE       ? 'C6 H10 N3 O2 1' 156.162 
HOH non-polymer         . WATER           ? 'H2 O'           18.015  
ILE 'L-peptide linking' y ISOLEUCINE      ? 'C6 H13 N O2'    131.173 
LEU 'L-peptide linking' y LEUCINE         ? 'C6 H13 N O2'    131.173 
LYS 'L-peptide linking' y LYSINE          ? 'C6 H15 N2 O2 1' 147.195 
MET 'L-peptide linking' y METHIONINE      ? 'C5 H11 N O2 S'  149.211 
ORN 'L-peptide linking' n L-ornithine     ? 'C5 H12 N2 O2'   132.161 
PHE 'L-peptide linking' y PHENYLALANINE   ? 'C9 H11 N O2'    165.189 
SAR 'peptide linking'   n SARCOSINE       ? 'C3 H7 N O2'     89.093  
SER 'L-peptide linking' y SERINE          ? 'C3 H7 N O3'     105.093 
VAL 'L-peptide linking' y VALINE          ? 'C5 H11 N O2'    117.146 
# 
_exptl.absorpt_coefficient_mu     ? 
_exptl.absorpt_correction_T_max   ? 
_exptl.absorpt_correction_T_min   ? 
_exptl.absorpt_correction_type    ? 
_exptl.absorpt_process_details    ? 
_exptl.entry_id                   7RTZ 
_exptl.crystals_number            1 
_exptl.details                    ? 
_exptl.method                     'X-RAY DIFFRACTION' 
_exptl.method_details             ? 
# 
_exptl_crystal.colour                      ? 
_exptl_crystal.density_diffrn              ? 
_exptl_crystal.density_Matthews            3.01 
_exptl_crystal.density_method              ? 
_exptl_crystal.density_percent_sol         59.09 
_exptl_crystal.description                 ? 
_exptl_crystal.F_000                       ? 
_exptl_crystal.id                          1 
_exptl_crystal.preparation                 ? 
_exptl_crystal.size_max                    ? 
_exptl_crystal.size_mid                    ? 
_exptl_crystal.size_min                    ? 
_exptl_crystal.size_rad                    ? 
_exptl_crystal.colour_lustre               ? 
_exptl_crystal.colour_modifier             ? 
_exptl_crystal.colour_primary              ? 
_exptl_crystal.density_meas                ? 
_exptl_crystal.density_meas_esd            ? 
_exptl_crystal.density_meas_gt             ? 
_exptl_crystal.density_meas_lt             ? 
_exptl_crystal.density_meas_temp           ? 
_exptl_crystal.density_meas_temp_esd       ? 
_exptl_crystal.density_meas_temp_gt        ? 
_exptl_crystal.density_meas_temp_lt        ? 
_exptl_crystal.pdbx_crystal_image_url      ? 
_exptl_crystal.pdbx_crystal_image_format   ? 
_exptl_crystal.pdbx_mosaicity              ? 
_exptl_crystal.pdbx_mosaicity_esd          ? 
# 
_exptl_crystal_grow.apparatus       ? 
_exptl_crystal_grow.atmosphere      ? 
_exptl_crystal_grow.crystal_id      1 
_exptl_crystal_grow.details         ? 
_exptl_crystal_grow.method          'VAPOR DIFFUSION, HANGING DROP' 
_exptl_crystal_grow.method_ref      ? 
_exptl_crystal_grow.pH              ? 
_exptl_crystal_grow.pressure        ? 
_exptl_crystal_grow.pressure_esd    ? 
_exptl_crystal_grow.seeding         ? 
_exptl_crystal_grow.seeding_ref     ? 
_exptl_crystal_grow.temp            296.15 
_exptl_crystal_grow.temp_details    ? 
_exptl_crystal_grow.temp_esd        ? 
_exptl_crystal_grow.time            ? 
_exptl_crystal_grow.pdbx_details    
'0.2 M magnesium acetate tetrahydrate, 0.1 M sodium cacodylate trihydrate pH 6.5, and 30% (v/v) 2-methyl-2,4-pentanediol' 
_exptl_crystal_grow.pdbx_pH_range   ? 
# 
_diffrn.ambient_environment              ? 
_diffrn.ambient_temp                     123 
_diffrn.ambient_temp_details             ? 
_diffrn.ambient_temp_esd                 ? 
_diffrn.crystal_id                       1 
_diffrn.crystal_support                  ? 
_diffrn.crystal_treatment                ? 
_diffrn.details                          ? 
_diffrn.id                               1 
_diffrn.ambient_pressure                 ? 
_diffrn.ambient_pressure_esd             ? 
_diffrn.ambient_pressure_gt              ? 
_diffrn.ambient_pressure_lt              ? 
_diffrn.ambient_temp_gt                  ? 
_diffrn.ambient_temp_lt                  ? 
_diffrn.pdbx_serial_crystal_experiment   N 
# 
_diffrn_detector.details                      ? 
_diffrn_detector.detector                     PIXEL 
_diffrn_detector.diffrn_id                    1 
_diffrn_detector.type                         'DECTRIS PILATUS 6M' 
_diffrn_detector.area_resol_mean              ? 
_diffrn_detector.dtime                        ? 
_diffrn_detector.pdbx_frames_total            ? 
_diffrn_detector.pdbx_collection_time_total   ? 
_diffrn_detector.pdbx_collection_date         2021-03-14 
_diffrn_detector.pdbx_frequency               ? 
# 
_diffrn_radiation.collimation                      ? 
_diffrn_radiation.diffrn_id                        1 
_diffrn_radiation.filter_edge                      ? 
_diffrn_radiation.inhomogeneity                    ? 
_diffrn_radiation.monochromator                    ? 
_diffrn_radiation.polarisn_norm                    ? 
_diffrn_radiation.polarisn_ratio                   ? 
_diffrn_radiation.probe                            ? 
_diffrn_radiation.type                             ? 
_diffrn_radiation.xray_symbol                      ? 
_diffrn_radiation.wavelength_id                    1 
_diffrn_radiation.pdbx_monochromatic_or_laue_m_l   M 
_diffrn_radiation.pdbx_wavelength_list             ? 
_diffrn_radiation.pdbx_wavelength                  ? 
_diffrn_radiation.pdbx_diffrn_protocol             'SINGLE WAVELENGTH' 
_diffrn_radiation.pdbx_analyzer                    ? 
_diffrn_radiation.pdbx_scattering_type             x-ray 
# 
_diffrn_radiation_wavelength.id           1 
_diffrn_radiation_wavelength.wavelength   1.0 
_diffrn_radiation_wavelength.wt           1.0 
# 
_diffrn_source.current                     ? 
_diffrn_source.details                     ? 
_diffrn_source.diffrn_id                   1 
_diffrn_source.power                       ? 
_diffrn_source.size                        ? 
_diffrn_source.source                      SYNCHROTRON 
_diffrn_source.target                      ? 
_diffrn_source.type                        'SSRL BEAMLINE BL12-2' 
_diffrn_source.voltage                     ? 
_diffrn_source.take-off_angle              ? 
_diffrn_source.pdbx_wavelength_list        1.0 
_diffrn_source.pdbx_wavelength             ? 
_diffrn_source.pdbx_synchrotron_beamline   BL12-2 
_diffrn_source.pdbx_synchrotron_site       SSRL 
# 
_reflns.B_iso_Wilson_estimate                          ? 
_reflns.entry_id                                       7RTZ 
_reflns.data_reduction_details                         ? 
_reflns.data_reduction_method                          ? 
_reflns.d_resolution_high                              2.1 
_reflns.d_resolution_low                               36.52 
_reflns.details                                        ? 
_reflns.limit_h_max                                    ? 
_reflns.limit_h_min                                    ? 
_reflns.limit_k_max                                    ? 
_reflns.limit_k_min                                    ? 
_reflns.limit_l_max                                    ? 
_reflns.limit_l_min                                    ? 
_reflns.number_all                                     ? 
_reflns.number_obs                                     7150 
_reflns.observed_criterion                             ? 
_reflns.observed_criterion_F_max                       ? 
_reflns.observed_criterion_F_min                       ? 
_reflns.observed_criterion_I_max                       ? 
_reflns.observed_criterion_I_min                       ? 
_reflns.observed_criterion_sigma_F                     ? 
_reflns.observed_criterion_sigma_I                     ? 
_reflns.percent_possible_obs                           99.83 
_reflns.R_free_details                                 ? 
_reflns.Rmerge_F_all                                   ? 
_reflns.Rmerge_F_obs                                   ? 
_reflns.Friedel_coverage                               ? 
_reflns.number_gt                                      ? 
_reflns.threshold_expression                           ? 
_reflns.pdbx_redundancy                                48.6 
_reflns.pdbx_Rmerge_I_obs                              ? 
_reflns.pdbx_Rmerge_I_all                              ? 
_reflns.pdbx_Rsym_value                                ? 
_reflns.pdbx_netI_over_av_sigmaI                       ? 
_reflns.pdbx_netI_over_sigmaI                          21.83 
_reflns.pdbx_res_netI_over_av_sigmaI_2                 ? 
_reflns.pdbx_res_netI_over_sigmaI_2                    ? 
_reflns.pdbx_chi_squared                               ? 
_reflns.pdbx_scaling_rejects                           ? 
_reflns.pdbx_d_res_high_opt                            ? 
_reflns.pdbx_d_res_low_opt                             ? 
_reflns.pdbx_d_res_opt_method                          ? 
_reflns.phase_calculation_details                      ? 
_reflns.pdbx_Rrim_I_all                                ? 
_reflns.pdbx_Rpim_I_all                                ? 
_reflns.pdbx_d_opt                                     ? 
_reflns.pdbx_number_measured_all                       ? 
_reflns.pdbx_diffrn_id                                 1 
_reflns.pdbx_ordinal                                   1 
_reflns.pdbx_CC_half                                   0.998 
_reflns.pdbx_CC_star                                   ? 
_reflns.pdbx_R_split                                   ? 
_reflns.pdbx_aniso_diffraction_limit_axis_1_ortho[1]   ? 
_reflns.pdbx_aniso_diffraction_limit_axis_1_ortho[2]   ? 
_reflns.pdbx_aniso_diffraction_limit_axis_1_ortho[3]   ? 
_reflns.pdbx_aniso_diffraction_limit_axis_2_ortho[1]   ? 
_reflns.pdbx_aniso_diffraction_limit_axis_2_ortho[2]   ? 
_reflns.pdbx_aniso_diffraction_limit_axis_2_ortho[3]   ? 
_reflns.pdbx_aniso_diffraction_limit_axis_3_ortho[1]   ? 
_reflns.pdbx_aniso_diffraction_limit_axis_3_ortho[2]   ? 
_reflns.pdbx_aniso_diffraction_limit_axis_3_ortho[3]   ? 
_reflns.pdbx_aniso_diffraction_limit_1                 ? 
_reflns.pdbx_aniso_diffraction_limit_2                 ? 
_reflns.pdbx_aniso_diffraction_limit_3                 ? 
_reflns.pdbx_aniso_B_tensor_eigenvector_1_ortho[1]     ? 
_reflns.pdbx_aniso_B_tensor_eigenvector_1_ortho[2]     ? 
_reflns.pdbx_aniso_B_tensor_eigenvector_1_ortho[3]     ? 
_reflns.pdbx_aniso_B_tensor_eigenvector_2_ortho[1]     ? 
_reflns.pdbx_aniso_B_tensor_eigenvector_2_ortho[2]     ? 
_reflns.pdbx_aniso_B_tensor_eigenvector_2_ortho[3]     ? 
_reflns.pdbx_aniso_B_tensor_eigenvector_3_ortho[1]     ? 
_reflns.pdbx_aniso_B_tensor_eigenvector_3_ortho[2]     ? 
_reflns.pdbx_aniso_B_tensor_eigenvector_3_ortho[3]     ? 
_reflns.pdbx_aniso_B_tensor_eigenvalue_1               ? 
_reflns.pdbx_aniso_B_tensor_eigenvalue_2               ? 
_reflns.pdbx_aniso_B_tensor_eigenvalue_3               ? 
_reflns.pdbx_orthogonalization_convention              ? 
_reflns.pdbx_percent_possible_ellipsoidal              ? 
_reflns.pdbx_percent_possible_spherical                ? 
_reflns.pdbx_percent_possible_ellipsoidal_anomalous    ? 
_reflns.pdbx_percent_possible_spherical_anomalous      ? 
_reflns.pdbx_redundancy_anomalous                      ? 
_reflns.pdbx_CC_half_anomalous                         ? 
_reflns.pdbx_absDiff_over_sigma_anomalous              ? 
_reflns.pdbx_percent_possible_anomalous                ? 
_reflns.pdbx_observed_signal_threshold                 ? 
_reflns.pdbx_signal_type                               ? 
_reflns.pdbx_signal_details                            ? 
_reflns.pdbx_signal_software_id                        ? 
# 
_reflns_shell.d_res_high                                    2.1 
_reflns_shell.d_res_low                                     2.175 
_reflns_shell.meanI_over_sigI_all                           ? 
_reflns_shell.meanI_over_sigI_obs                           ? 
_reflns_shell.number_measured_all                           ? 
_reflns_shell.number_measured_obs                           ? 
_reflns_shell.number_possible                               ? 
_reflns_shell.number_unique_all                             ? 
_reflns_shell.number_unique_obs                             393 
_reflns_shell.percent_possible_all                          ? 
_reflns_shell.percent_possible_obs                          ? 
_reflns_shell.Rmerge_F_all                                  ? 
_reflns_shell.Rmerge_F_obs                                  ? 
_reflns_shell.Rmerge_I_all                                  ? 
_reflns_shell.Rmerge_I_obs                                  ? 
_reflns_shell.meanI_over_sigI_gt                            ? 
_reflns_shell.meanI_over_uI_all                             ? 
_reflns_shell.meanI_over_uI_gt                              ? 
_reflns_shell.number_measured_gt                            ? 
_reflns_shell.number_unique_gt                              ? 
_reflns_shell.percent_possible_gt                           ? 
_reflns_shell.Rmerge_F_gt                                   ? 
_reflns_shell.Rmerge_I_gt                                   ? 
_reflns_shell.pdbx_redundancy                               ? 
_reflns_shell.pdbx_Rsym_value                               ? 
_reflns_shell.pdbx_chi_squared                              ? 
_reflns_shell.pdbx_netI_over_sigmaI_all                     ? 
_reflns_shell.pdbx_netI_over_sigmaI_obs                     ? 
_reflns_shell.pdbx_Rrim_I_all                               ? 
_reflns_shell.pdbx_Rpim_I_all                               ? 
_reflns_shell.pdbx_rejects                                  ? 
_reflns_shell.pdbx_ordinal                                  1 
_reflns_shell.pdbx_diffrn_id                                1 
_reflns_shell.pdbx_CC_half                                  0.795 
_reflns_shell.pdbx_CC_star                                  ? 
_reflns_shell.pdbx_R_split                                  ? 
_reflns_shell.pdbx_percent_possible_ellipsoidal             ? 
_reflns_shell.pdbx_percent_possible_spherical               ? 
_reflns_shell.pdbx_percent_possible_ellipsoidal_anomalous   ? 
_reflns_shell.pdbx_percent_possible_spherical_anomalous     ? 
_reflns_shell.pdbx_redundancy_anomalous                     ? 
_reflns_shell.pdbx_CC_half_anomalous                        ? 
_reflns_shell.pdbx_absDiff_over_sigma_anomalous             ? 
_reflns_shell.pdbx_percent_possible_anomalous               ? 
# 
_refine.aniso_B[1][1]                            ? 
_refine.aniso_B[1][2]                            ? 
_refine.aniso_B[1][3]                            ? 
_refine.aniso_B[2][2]                            ? 
_refine.aniso_B[2][3]                            ? 
_refine.aniso_B[3][3]                            ? 
_refine.B_iso_max                                117.860 
_refine.B_iso_mean                               60.8087 
_refine.B_iso_min                                27.450 
_refine.correlation_coeff_Fo_to_Fc               ? 
_refine.correlation_coeff_Fo_to_Fc_free          ? 
_refine.details                                  ? 
_refine.diff_density_max                         ? 
_refine.diff_density_max_esd                     ? 
_refine.diff_density_min                         ? 
_refine.diff_density_min_esd                     ? 
_refine.diff_density_rms                         ? 
_refine.diff_density_rms_esd                     ? 
_refine.entry_id                                 7RTZ 
_refine.pdbx_refine_id                           'X-RAY DIFFRACTION' 
_refine.ls_abs_structure_details                 ? 
_refine.ls_abs_structure_Flack                   ? 
_refine.ls_abs_structure_Flack_esd               ? 
_refine.ls_abs_structure_Rogers                  ? 
_refine.ls_abs_structure_Rogers_esd              ? 
_refine.ls_d_res_high                            2.1000 
_refine.ls_d_res_low                             36.5200 
_refine.ls_extinction_coef                       ? 
_refine.ls_extinction_coef_esd                   ? 
_refine.ls_extinction_expression                 ? 
_refine.ls_extinction_method                     ? 
_refine.ls_goodness_of_fit_all                   ? 
_refine.ls_goodness_of_fit_all_esd               ? 
_refine.ls_goodness_of_fit_obs                   ? 
_refine.ls_goodness_of_fit_obs_esd               ? 
_refine.ls_hydrogen_treatment                    ? 
_refine.ls_matrix_type                           ? 
_refine.ls_number_constraints                    ? 
_refine.ls_number_parameters                     ? 
_refine.ls_number_reflns_all                     ? 
_refine.ls_number_reflns_obs                     7150 
_refine.ls_number_reflns_R_free                  718 
_refine.ls_number_reflns_R_work                  6432 
_refine.ls_number_restraints                     ? 
_refine.ls_percent_reflns_obs                    99.8300 
_refine.ls_percent_reflns_R_free                 10.0400 
_refine.ls_R_factor_all                          ? 
_refine.ls_R_factor_obs                          0.2661 
_refine.ls_R_factor_R_free                       0.2934 
_refine.ls_R_factor_R_free_error                 ? 
_refine.ls_R_factor_R_free_error_details         ? 
_refine.ls_R_factor_R_work                       0.2632 
_refine.ls_R_Fsqd_factor_obs                     ? 
_refine.ls_R_I_factor_obs                        ? 
_refine.ls_redundancy_reflns_all                 ? 
_refine.ls_redundancy_reflns_obs                 ? 
_refine.ls_restrained_S_all                      ? 
_refine.ls_restrained_S_obs                      ? 
_refine.ls_shift_over_esd_max                    ? 
_refine.ls_shift_over_esd_mean                   ? 
_refine.ls_structure_factor_coef                 ? 
_refine.ls_weighting_details                     ? 
_refine.ls_weighting_scheme                      ? 
_refine.ls_wR_factor_all                         ? 
_refine.ls_wR_factor_obs                         ? 
_refine.ls_wR_factor_R_free                      ? 
_refine.ls_wR_factor_R_work                      ? 
_refine.occupancy_max                            ? 
_refine.occupancy_min                            ? 
_refine.solvent_model_details                    'FLAT BULK SOLVENT MODEL' 
_refine.solvent_model_param_bsol                 ? 
_refine.solvent_model_param_ksol                 ? 
_refine.pdbx_R_complete                          ? 
_refine.ls_R_factor_gt                           ? 
_refine.ls_goodness_of_fit_gt                    ? 
_refine.ls_goodness_of_fit_ref                   ? 
_refine.ls_shift_over_su_max                     ? 
_refine.ls_shift_over_su_max_lt                  ? 
_refine.ls_shift_over_su_mean                    ? 
_refine.ls_shift_over_su_mean_lt                 ? 
_refine.pdbx_ls_sigma_I                          ? 
_refine.pdbx_ls_sigma_F                          1.330 
_refine.pdbx_ls_sigma_Fsqd                       ? 
_refine.pdbx_data_cutoff_high_absF               ? 
_refine.pdbx_data_cutoff_high_rms_absF           ? 
_refine.pdbx_data_cutoff_low_absF                ? 
_refine.pdbx_isotropic_thermal_model             ? 
_refine.pdbx_ls_cross_valid_method               THROUGHOUT 
_refine.pdbx_method_to_determine_struct          'MOLECULAR REPLACEMENT' 
_refine.pdbx_starting_model                      6WXM 
_refine.pdbx_stereochemistry_target_values       ML 
_refine.pdbx_R_Free_selection_details            ? 
_refine.pdbx_stereochem_target_val_spec_case     ? 
_refine.pdbx_overall_ESU_R                       ? 
_refine.pdbx_overall_ESU_R_Free                  ? 
_refine.pdbx_solvent_vdw_probe_radii             1.1100 
_refine.pdbx_solvent_ion_probe_radii             ? 
_refine.pdbx_solvent_shrinkage_radii             0.9000 
_refine.pdbx_real_space_R                        ? 
_refine.pdbx_density_correlation                 ? 
_refine.pdbx_pd_number_of_powder_patterns        ? 
_refine.pdbx_pd_number_of_points                 ? 
_refine.pdbx_pd_meas_number_of_points            ? 
_refine.pdbx_pd_proc_ls_prof_R_factor            ? 
_refine.pdbx_pd_proc_ls_prof_wR_factor           ? 
_refine.pdbx_pd_Marquardt_correlation_coeff      ? 
_refine.pdbx_pd_Fsqrd_R_factor                   ? 
_refine.pdbx_pd_ls_matrix_band_width             ? 
_refine.pdbx_overall_phase_error                 41.1200 
_refine.pdbx_overall_SU_R_free_Cruickshank_DPI   ? 
_refine.pdbx_overall_SU_R_free_Blow_DPI          ? 
_refine.pdbx_overall_SU_R_Blow_DPI               ? 
_refine.pdbx_TLS_residual_ADP_flag               ? 
_refine.pdbx_diffrn_id                           1 
_refine.overall_SU_B                             ? 
_refine.overall_SU_ML                            0.3100 
_refine.overall_SU_R_Cruickshank_DPI             ? 
_refine.overall_SU_R_free                        ? 
_refine.overall_FOM_free_R_set                   ? 
_refine.overall_FOM_work_R_set                   ? 
_refine.pdbx_average_fsc_overall                 ? 
_refine.pdbx_average_fsc_work                    ? 
_refine.pdbx_average_fsc_free                    ? 
# 
_refine_hist.pdbx_refine_id                   'X-RAY DIFFRACTION' 
_refine_hist.cycle_id                         final 
_refine_hist.details                          ? 
_refine_hist.d_res_high                       2.1000 
_refine_hist.d_res_low                        36.5200 
_refine_hist.number_atoms_solvent             11 
_refine_hist.number_atoms_total               376 
_refine_hist.number_reflns_all                ? 
_refine_hist.number_reflns_obs                ? 
_refine_hist.number_reflns_R_free             ? 
_refine_hist.number_reflns_R_work             ? 
_refine_hist.R_factor_all                     ? 
_refine_hist.R_factor_obs                     ? 
_refine_hist.R_factor_R_free                  ? 
_refine_hist.R_factor_R_work                  ? 
_refine_hist.pdbx_number_residues_total       48 
_refine_hist.pdbx_B_iso_mean_ligand           80.92 
_refine_hist.pdbx_B_iso_mean_solvent          55.98 
_refine_hist.pdbx_number_atoms_protein        364 
_refine_hist.pdbx_number_atoms_nucleic_acid   0 
_refine_hist.pdbx_number_atoms_ligand         1 
_refine_hist.pdbx_number_atoms_lipid          ? 
_refine_hist.pdbx_number_atoms_carb           ? 
_refine_hist.pdbx_pseudo_atom_details         ? 
# 
loop_
_refine_ls_shell.pdbx_refine_id 
_refine_ls_shell.d_res_high 
_refine_ls_shell.d_res_low 
_refine_ls_shell.number_reflns_all 
_refine_ls_shell.number_reflns_obs 
_refine_ls_shell.number_reflns_R_free 
_refine_ls_shell.number_reflns_R_work 
_refine_ls_shell.percent_reflns_obs 
_refine_ls_shell.percent_reflns_R_free 
_refine_ls_shell.R_factor_all 
_refine_ls_shell.R_factor_obs 
_refine_ls_shell.R_factor_R_free 
_refine_ls_shell.R_factor_R_free_error 
_refine_ls_shell.R_factor_R_work 
_refine_ls_shell.redundancy_reflns_all 
_refine_ls_shell.redundancy_reflns_obs 
_refine_ls_shell.wR_factor_all 
_refine_ls_shell.wR_factor_obs 
_refine_ls_shell.wR_factor_R_free 
_refine_ls_shell.wR_factor_R_work 
_refine_ls_shell.pdbx_R_complete 
_refine_ls_shell.pdbx_total_number_of_bins_used 
_refine_ls_shell.pdbx_phase_error 
_refine_ls_shell.pdbx_fsc_work 
_refine_ls_shell.pdbx_fsc_free 
'X-RAY DIFFRACTION' 2.1000 2.2600  1426 . 141 1285 100.0000 . . . 0.3258 0.0000 0.3250 . . . . . . . 5 . . . 
'X-RAY DIFFRACTION' 2.2600 2.4900  1436 . 145 1291 100.0000 . . . 0.3390 0.0000 0.2997 . . . . . . . 5 . . . 
'X-RAY DIFFRACTION' 2.4900 2.8500  1424 . 143 1281 100.0000 . . . 0.3251 0.0000 0.3211 . . . . . . . 5 . . . 
'X-RAY DIFFRACTION' 2.8500 3.5900  1434 . 145 1289 100.0000 . . . 0.2504 0.0000 0.2636 . . . . . . . 5 . . . 
'X-RAY DIFFRACTION' 3.5900 36.5200 1430 . 144 1286 100.0000 . . . 0.2916 0.0000 0.2371 . . . . . . . 5 . . . 
# 
_struct.entry_id                     7RTZ 
_struct.title                        'X-ray crystallographic structure of a beta-hairpin peptide derived from amyloid beta 14-40' 
_struct.pdbx_model_details           ? 
_struct.pdbx_formula_weight          ? 
_struct.pdbx_formula_weight_method   ? 
_struct.pdbx_model_type_details      ? 
_struct.pdbx_CASP_flag               N 
# 
_struct_keywords.entry_id        7RTZ 
_struct_keywords.text            'amyloid, oligomer, hairpin, barrel, DE NOVO PROTEIN' 
_struct_keywords.pdbx_keywords   'DE NOVO PROTEIN' 
# 
loop_
_struct_asym.id 
_struct_asym.pdbx_blank_PDB_chainid_flag 
_struct_asym.pdbx_modified 
_struct_asym.entity_id 
_struct_asym.details 
A N N 1 ? 
B N N 1 ? 
C N N 2 ? 
D N N 3 ? 
E N N 3 ? 
# 
loop_
_struct_conn.id 
_struct_conn.conn_type_id 
_struct_conn.pdbx_leaving_atom_flag 
_struct_conn.pdbx_PDB_id 
_struct_conn.ptnr1_label_asym_id 
_struct_conn.ptnr1_label_comp_id 
_struct_conn.ptnr1_label_seq_id 
_struct_conn.ptnr1_label_atom_id 
_struct_conn.pdbx_ptnr1_label_alt_id 
_struct_conn.pdbx_ptnr1_PDB_ins_code 
_struct_conn.pdbx_ptnr1_standard_comp_id 
_struct_conn.ptnr1_symmetry 
_struct_conn.ptnr2_label_asym_id 
_struct_conn.ptnr2_label_comp_id 
_struct_conn.ptnr2_label_seq_id 
_struct_conn.ptnr2_label_atom_id 
_struct_conn.pdbx_ptnr2_label_alt_id 
_struct_conn.pdbx_ptnr2_PDB_ins_code 
_struct_conn.ptnr1_auth_asym_id 
_struct_conn.ptnr1_auth_comp_id 
_struct_conn.ptnr1_auth_seq_id 
_struct_conn.ptnr2_auth_asym_id 
_struct_conn.ptnr2_auth_comp_id 
_struct_conn.ptnr2_auth_seq_id 
_struct_conn.ptnr2_symmetry 
_struct_conn.pdbx_ptnr3_label_atom_id 
_struct_conn.pdbx_ptnr3_label_seq_id 
_struct_conn.pdbx_ptnr3_label_comp_id 
_struct_conn.pdbx_ptnr3_label_asym_id 
_struct_conn.pdbx_ptnr3_label_alt_id 
_struct_conn.pdbx_ptnr3_PDB_ins_code 
_struct_conn.details 
_struct_conn.pdbx_dist_value 
_struct_conn.pdbx_value_order 
_struct_conn.pdbx_role 
disulf1  disulf ?    ? A CYS 5  SG ? ? ? 1_555 A CYS 21 SG ? ? A CYS 5  A CYS 21 1_555 ? ? ? ? ? ? ? 2.033 ? ? 
disulf2  disulf ?    ? B CYS 5  SG ? ? ? 1_555 B CYS 21 SG ? ? B CYS 5  B CYS 21 1_555 ? ? ? ? ? ? ? 2.035 ? ? 
covale1  covale both ? A ORN 1  C  ? ? ? 1_555 A VAL 2  N  ? ? A ORN 1  A VAL 2  1_555 ? ? ? ? ? ? ? 1.374 ? ? 
covale2  covale both ? A ORN 1  NE ? ? ? 1_555 A VAL 24 C  ? ? A ORN 1  A VAL 24 1_555 ? ? ? ? ? ? ? 1.378 ? ? 
covale3  covale both ? A GLU 12 C  ? ? ? 1_555 A ORN 13 NE ? ? A GLU 12 A ORN 13 1_555 ? ? ? ? ? ? ? 1.378 ? ? 
covale4  covale both ? A ORN 13 C  ? ? ? 1_555 A ALA 14 N  ? ? A ORN 13 A ALA 14 1_555 ? ? ? ? ? ? ? 1.372 ? ? 
covale5  covale both ? A ILE 16 C  ? ? ? 1_555 A SAR 17 N  ? ? A ILE 16 A SAR 17 1_555 ? ? ? ? ? ? ? 1.334 ? ? 
covale6  covale both ? A SAR 17 C  ? ? ? 1_555 A LEU 18 N  ? ? A SAR 17 A LEU 18 1_555 ? ? ? ? ? ? ? 1.330 ? ? 
covale7  covale both ? B ORN 1  C  ? ? ? 1_555 B VAL 2  N  ? ? B ORN 1  B VAL 2  1_555 ? ? ? ? ? ? ? 1.381 ? ? 
covale8  covale both ? B ORN 1  NE ? ? ? 1_555 B VAL 24 C  ? ? B ORN 1  B VAL 24 1_555 ? ? ? ? ? ? ? 1.376 ? ? 
covale9  covale both ? B GLU 12 C  ? ? ? 1_555 B ORN 13 NE ? ? B GLU 12 B ORN 13 1_555 ? ? ? ? ? ? ? 1.380 ? ? 
covale10 covale both ? B ORN 13 C  ? ? ? 1_555 B ALA 14 N  ? ? B ORN 13 B ALA 14 1_555 ? ? ? ? ? ? ? 1.369 ? ? 
covale11 covale both ? B ILE 16 C  ? ? ? 1_555 B SAR 17 N  ? ? B ILE 16 B SAR 17 1_555 ? ? ? ? ? ? ? 1.335 ? ? 
covale12 covale both ? B SAR 17 C  ? ? ? 1_555 B LEU 18 N  ? ? B SAR 17 B LEU 18 1_555 ? ? ? ? ? ? ? 1.332 ? ? 
# 
loop_
_struct_conn_type.id 
_struct_conn_type.criteria 
_struct_conn_type.reference 
disulf ? ? 
covale ? ? 
# 
_struct_sheet.id               AA1 
_struct_sheet.type             ? 
_struct_sheet.number_strands   4 
_struct_sheet.details          ? 
# 
loop_
_struct_sheet_order.sheet_id 
_struct_sheet_order.range_id_1 
_struct_sheet_order.range_id_2 
_struct_sheet_order.offset 
_struct_sheet_order.sense 
AA1 1 2 ? anti-parallel 
AA1 2 3 ? anti-parallel 
AA1 3 4 ? anti-parallel 
# 
loop_
_struct_sheet_range.sheet_id 
_struct_sheet_range.id 
_struct_sheet_range.beg_label_comp_id 
_struct_sheet_range.beg_label_asym_id 
_struct_sheet_range.beg_label_seq_id 
_struct_sheet_range.pdbx_beg_PDB_ins_code 
_struct_sheet_range.end_label_comp_id 
_struct_sheet_range.end_label_asym_id 
_struct_sheet_range.end_label_seq_id 
_struct_sheet_range.pdbx_end_PDB_ins_code 
_struct_sheet_range.beg_auth_comp_id 
_struct_sheet_range.beg_auth_asym_id 
_struct_sheet_range.beg_auth_seq_id 
_struct_sheet_range.end_auth_comp_id 
_struct_sheet_range.end_auth_asym_id 
_struct_sheet_range.end_auth_seq_id 
AA1 1 VAL A 2  ? ALA A 11 ? VAL A 2  ALA A 11 
AA1 2 ILE A 15 ? VAL A 24 ? ILE A 15 VAL A 24 
AA1 3 ILE B 15 ? VAL B 24 ? ILE B 15 VAL B 24 
AA1 4 VAL B 2  ? ALA B 11 ? VAL B 2  ALA B 11 
# 
loop_
_pdbx_struct_sheet_hbond.sheet_id 
_pdbx_struct_sheet_hbond.range_id_1 
_pdbx_struct_sheet_hbond.range_id_2 
_pdbx_struct_sheet_hbond.range_1_label_atom_id 
_pdbx_struct_sheet_hbond.range_1_label_comp_id 
_pdbx_struct_sheet_hbond.range_1_label_asym_id 
_pdbx_struct_sheet_hbond.range_1_label_seq_id 
_pdbx_struct_sheet_hbond.range_1_PDB_ins_code 
_pdbx_struct_sheet_hbond.range_1_auth_atom_id 
_pdbx_struct_sheet_hbond.range_1_auth_comp_id 
_pdbx_struct_sheet_hbond.range_1_auth_asym_id 
_pdbx_struct_sheet_hbond.range_1_auth_seq_id 
_pdbx_struct_sheet_hbond.range_2_label_atom_id 
_pdbx_struct_sheet_hbond.range_2_label_comp_id 
_pdbx_struct_sheet_hbond.range_2_label_asym_id 
_pdbx_struct_sheet_hbond.range_2_label_seq_id 
_pdbx_struct_sheet_hbond.range_2_PDB_ins_code 
_pdbx_struct_sheet_hbond.range_2_auth_atom_id 
_pdbx_struct_sheet_hbond.range_2_auth_comp_id 
_pdbx_struct_sheet_hbond.range_2_auth_asym_id 
_pdbx_struct_sheet_hbond.range_2_auth_seq_id 
AA1 1 2 N HIS A 4  ? N HIS A 4  O GLY A 22 ? O GLY A 22 
AA1 2 3 N CYS A 21 ? N CYS A 21 O MET B 19 ? O MET B 19 
AA1 3 4 O ILE B 16 ? O ILE B 16 N PHE B 10 ? N PHE B 10 
# 
_atom_sites.entry_id                    7RTZ 
_atom_sites.Cartn_transf_matrix[1][1]   ? 
_atom_sites.Cartn_transf_matrix[1][2]   ? 
_atom_sites.Cartn_transf_matrix[1][3]   ? 
_atom_sites.Cartn_transf_matrix[2][1]   ? 
_atom_sites.Cartn_transf_matrix[2][2]   ? 
_atom_sites.Cartn_transf_matrix[2][3]   ? 
_atom_sites.Cartn_transf_matrix[3][1]   ? 
_atom_sites.Cartn_transf_matrix[3][2]   ? 
_atom_sites.Cartn_transf_matrix[3][3]   ? 
_atom_sites.Cartn_transf_vector[1]      ? 
_atom_sites.Cartn_transf_vector[2]      ? 
_atom_sites.Cartn_transf_vector[3]      ? 
_atom_sites.fract_transf_matrix[1][1]   0.01659430 
_atom_sites.fract_transf_matrix[1][2]   -0.00273282 
_atom_sites.fract_transf_matrix[1][3]   -0.01503710 
_atom_sites.fract_transf_matrix[2][1]   -0.00408654 
_atom_sites.fract_transf_matrix[2][2]   0.02059486 
_atom_sites.fract_transf_matrix[2][3]   -0.00825262 
_atom_sites.fract_transf_matrix[3][1]   0.01013261 
_atom_sites.fract_transf_matrix[3][2]   0.00605066 
_atom_sites.fract_transf_matrix[3][3]   0.01008228 
_atom_sites.fract_transf_vector[1]      -0.006831 
_atom_sites.fract_transf_vector[2]      0.482254 
_atom_sites.fract_transf_vector[3]      0.449809 
_atom_sites.solution_primary            ? 
_atom_sites.solution_secondary          ? 
_atom_sites.solution_hydrogens          ? 
_atom_sites.special_details             ? 
# 
loop_
_atom_type.symbol 
C  
CL 
H  
N  
O  
S  
# 
loop_
_atom_site.group_PDB 
_atom_site.id 
_atom_site.type_symbol 
_atom_site.label_atom_id 
_atom_site.label_alt_id 
_atom_site.label_comp_id 
_atom_site.label_asym_id 
_atom_site.label_entity_id 
_atom_site.label_seq_id 
_atom_site.pdbx_PDB_ins_code 
_atom_site.Cartn_x 
_atom_site.Cartn_y 
_atom_site.Cartn_z 
_atom_site.occupancy 
_atom_site.B_iso_or_equiv 
_atom_site.pdbx_formal_charge 
_atom_site.auth_seq_id 
_atom_site.auth_comp_id 
_atom_site.auth_asym_id 
_atom_site.auth_atom_id 
_atom_site.pdbx_PDB_model_num 
HETATM 1   N  N    . ORN A 1 1  ? -9.755  9.418   -12.179 1.00 80.79  ? 1   ORN A N    1 
HETATM 2   C  CA   . ORN A 1 1  ? -8.321  9.742   -11.916 1.00 58.45  ? 1   ORN A CA   1 
HETATM 3   C  CB   . ORN A 1 1  ? -8.126  10.164  -10.448 1.00 64.24  ? 1   ORN A CB   1 
HETATM 4   C  CG   . ORN A 1 1  ? -8.325  11.667  -10.221 1.00 69.49  ? 1   ORN A CG   1 
HETATM 5   C  CD   . ORN A 1 1  ? -7.036  12.451  -10.511 1.00 74.91  ? 1   ORN A CD   1 
HETATM 6   N  NE   . ORN A 1 1  ? -6.012  12.158  -9.519  1.00 77.18  ? 1   ORN A NE   1 
HETATM 7   C  C    . ORN A 1 1  ? -7.388  8.543   -12.277 1.00 62.46  ? 1   ORN A C    1 
HETATM 8   O  O    . ORN A 1 1  ? -7.819  7.536   -12.842 1.00 50.19  ? 1   ORN A O    1 
HETATM 9   H  H1   . ORN A 1 1  ? -9.944  9.112   -13.138 1.00 97.02  ? 1   ORN A H1   1 
HETATM 10  H  H2   . ORN A 1 1  ? -10.126 8.666   -11.592 1.00 97.02  ? 1   ORN A H2   1 
HETATM 11  H  H3   . ORN A 1 1  ? -10.394 10.202  -12.028 1.00 97.02  ? 1   ORN A H3   1 
HETATM 12  H  HA   . ORN A 1 1  ? -8.070  10.553  -12.606 1.00 70.20  ? 1   ORN A HA   1 
HETATM 13  H  HB2  . ORN A 1 1  ? -8.857  9.629   -9.826  1.00 77.15  ? 1   ORN A HB2  1 
HETATM 14  H  HB3  . ORN A 1 1  ? -7.102  9.910   -10.141 1.00 77.15  ? 1   ORN A HB3  1 
HETATM 15  H  HG2  . ORN A 1 1  ? -9.127  12.030  -10.876 1.00 83.46  ? 1   ORN A HG2  1 
HETATM 16  H  HG3  . ORN A 1 1  ? -8.631  11.840  -9.183  1.00 83.46  ? 1   ORN A HG3  1 
HETATM 17  H  HD2  . ORN A 1 1  ? -7.258  13.521  -10.487 1.00 89.96  ? 1   ORN A HD2  1 
HETATM 18  H  HD3  . ORN A 1 1  ? -6.663  12.167  -11.501 1.00 89.96  ? 1   ORN A HD3  1 
HETATM 19  H  HE1  . ORN A 1 1  ? -6.244  12.397  -8.557  1.00 92.68  ? 1   ORN A HE1  1 
ATOM   20  N  N    . VAL A 1 2  ? -6.066  8.693   -11.934 1.00 51.54  ? 2   VAL A N    1 
ATOM   21  C  CA   . VAL A 1 2  ? -5.071  7.665   -12.213 1.00 43.67  ? 2   VAL A CA   1 
ATOM   22  C  C    . VAL A 1 2  ? -4.392  7.208   -10.923 1.00 50.40  ? 2   VAL A C    1 
ATOM   23  O  O    . VAL A 1 2  ? -3.995  8.025   -10.092 1.00 51.18  ? 2   VAL A O    1 
ATOM   24  C  CB   . VAL A 1 2  ? -4.031  8.182   -13.224 1.00 46.70  ? 2   VAL A CB   1 
ATOM   25  C  CG1  . VAL A 1 2  ? -2.770  7.331   -13.188 1.00 56.41  ? 2   VAL A CG1  1 
ATOM   26  C  CG2  . VAL A 1 2  ? -4.623  8.212   -14.624 1.00 55.35  ? 2   VAL A CG2  1 
ATOM   27  H  H    . VAL A 1 2  ? -5.745  9.388   -11.541 1.00 61.91  ? 2   VAL A H    1 
ATOM   28  H  HA   . VAL A 1 2  ? -5.516  6.895   -12.601 1.00 52.47  ? 2   VAL A HA   1 
ATOM   29  H  HB   . VAL A 1 2  ? -3.784  9.087   -12.980 1.00 56.10  ? 2   VAL A HB   1 
ATOM   30  H  HG11 . VAL A 1 2  ? -2.259  7.488   -13.997 1.00 67.76  ? 2   VAL A HG11 1 
ATOM   31  H  HG12 . VAL A 1 2  ? -2.243  7.579   -12.412 1.00 67.76  ? 2   VAL A HG12 1 
ATOM   32  H  HG13 . VAL A 1 2  ? -3.020  6.396   -13.132 1.00 67.76  ? 2   VAL A HG13 1 
ATOM   33  H  HG21 . VAL A 1 2  ? -3.964  8.570   -15.238 1.00 66.49  ? 2   VAL A HG21 1 
ATOM   34  H  HG22 . VAL A 1 2  ? -4.864  7.309   -14.886 1.00 66.49  ? 2   VAL A HG22 1 
ATOM   35  H  HG23 . VAL A 1 2  ? -5.412  8.776   -14.620 1.00 66.49  ? 2   VAL A HG23 1 
ATOM   36  N  N    . HIS A 1 3  ? -4.251  5.893   -10.772 1.00 40.35  ? 3   HIS A N    1 
ATOM   37  C  CA   . HIS A 1 3  ? -3.623  5.306   -9.596  1.00 44.61  ? 3   HIS A CA   1 
ATOM   38  C  C    . HIS A 1 3  ? -2.124  5.168   -9.830  1.00 42.18  ? 3   HIS A C    1 
ATOM   39  O  O    . HIS A 1 3  ? -1.693  4.689   -10.882 1.00 47.89  ? 3   HIS A O    1 
ATOM   40  C  CB   . HIS A 1 3  ? -4.231  3.936   -9.285  1.00 48.11  ? 3   HIS A CB   1 
ATOM   41  C  CG   . HIS A 1 3  ? -5.646  3.996   -8.799  1.00 56.29  ? 3   HIS A CG   1 
ATOM   42  N  ND1  . HIS A 1 3  ? -6.684  4.457   -9.581  1.00 54.75  ? 3   HIS A ND1  1 
ATOM   43  C  CD2  . HIS A 1 3  ? -6.195  3.651   -7.611  1.00 56.86  ? 3   HIS A CD2  1 
ATOM   44  C  CE1  . HIS A 1 3  ? -7.810  4.396   -8.894  1.00 45.72  ? 3   HIS A CE1  1 
ATOM   45  N  NE2  . HIS A 1 3  ? -7.541  3.909   -7.696  1.00 63.01  ? 3   HIS A NE2  1 
ATOM   46  H  H    . HIS A 1 3  ? -4.517  5.312   -11.348 1.00 48.49  ? 3   HIS A H    1 
ATOM   47  H  HA   . HIS A 1 3  ? -3.767  5.885   -8.832  1.00 53.60  ? 3   HIS A HA   1 
ATOM   48  H  HB2  . HIS A 1 3  ? -4.219  3.400   -10.094 1.00 57.80  ? 3   HIS A HB2  1 
ATOM   49  H  HB3  . HIS A 1 3  ? -3.699  3.509   -8.597  1.00 57.80  ? 3   HIS A HB3  1 
ATOM   50  H  HD2  . HIS A 1 3  ? -5.745  3.302   -6.875  1.00 68.30  ? 3   HIS A HD2  1 
ATOM   51  H  HE1  . HIS A 1 3  ? -8.649  4.652   -9.202  1.00 54.93  ? 3   HIS A HE1  1 
ATOM   52  H  HE2  . HIS A 1 3  ? -8.116  3.776   -7.069  1.00 75.68  ? 3   HIS A HE2  1 
ATOM   53  N  N    . HIS A 1 4  ? -1.335  5.598   -8.852  1.00 53.46  ? 4   HIS A N    1 
ATOM   54  C  CA   . HIS A 1 4  ? 0.112   5.425   -8.870  1.00 53.29  ? 4   HIS A CA   1 
ATOM   55  C  C    . HIS A 1 4  ? 0.485   4.481   -7.735  1.00 50.51  ? 4   HIS A C    1 
ATOM   56  O  O    . HIS A 1 4  ? 0.209   4.771   -6.566  1.00 53.04  ? 4   HIS A O    1 
ATOM   57  C  CB   . HIS A 1 4  ? 0.829   6.766   -8.725  1.00 46.79  ? 4   HIS A CB   1 
ATOM   58  C  CG   . HIS A 1 4  ? 0.770   7.616   -9.957  1.00 50.38  ? 4   HIS A CG   1 
ATOM   59  N  ND1  . HIS A 1 4  ? -0.282  8.464   -10.228 1.00 53.03  ? 4   HIS A ND1  1 
ATOM   60  C  CD2  . HIS A 1 4  ? 1.635   7.749   -10.991 1.00 58.26  ? 4   HIS A CD2  1 
ATOM   61  C  CE1  . HIS A 1 4  ? -0.064  9.082   -11.376 1.00 54.91  ? 4   HIS A CE1  1 
ATOM   62  N  NE2  . HIS A 1 4  ? 1.094   8.666   -11.858 1.00 57.19  ? 4   HIS A NE2  1 
ATOM   63  H  H    . HIS A 1 4  ? -1.623  6.004   -8.150  1.00 64.22  ? 4   HIS A H    1 
ATOM   64  H  HA   . HIS A 1 4  ? 0.390   5.029   -9.710  1.00 64.02  ? 4   HIS A HA   1 
ATOM   65  H  HB2  . HIS A 1 4  ? 0.417   7.265   -8.002  1.00 56.21  ? 4   HIS A HB2  1 
ATOM   66  H  HB3  . HIS A 1 4  ? 1.763   6.601   -8.524  1.00 56.21  ? 4   HIS A HB3  1 
ATOM   67  H  HD2  . HIS A 1 4  ? 2.445   7.303   -11.093 1.00 69.97  ? 4   HIS A HD2  1 
ATOM   68  H  HE1  . HIS A 1 4  ? -0.628  9.704   -11.775 1.00 65.96  ? 4   HIS A HE1  1 
ATOM   69  H  HE2  . HIS A 1 4  ? 1.450   8.926   -12.596 1.00 68.69  ? 4   HIS A HE2  1 
ATOM   70  N  N    . CYS A 1 5  ? 1.092   3.349   -8.081  1.00 45.16  ? 5   CYS A N    1 
ATOM   71  C  CA   . CYS A 1 5  ? 1.423   2.313   -7.118  1.00 46.07  ? 5   CYS A CA   1 
ATOM   72  C  C    . CYS A 1 5  ? 2.931   2.126   -7.045  1.00 46.39  ? 5   CYS A C    1 
ATOM   73  O  O    . CYS A 1 5  ? 3.677   2.552   -7.931  1.00 50.74  ? 5   CYS A O    1 
ATOM   74  C  CB   . CYS A 1 5  ? 0.747   0.985   -7.480  1.00 50.82  ? 5   CYS A CB   1 
ATOM   75  S  SG   . CYS A 1 5  ? -1.047  1.092   -7.605  1.00 60.06  ? 5   CYS A SG   1 
ATOM   76  H  H    . CYS A 1 5  ? 1.326   3.158   -8.886  1.00 54.25  ? 5   CYS A H    1 
ATOM   77  H  HA   . CYS A 1 5  ? 1.113   2.584   -6.239  1.00 55.35  ? 5   CYS A HA   1 
ATOM   78  H  HB2  . CYS A 1 5  ? 1.087   0.686   -8.338  1.00 61.05  ? 5   CYS A HB2  1 
ATOM   79  H  HB3  . CYS A 1 5  ? 0.957   0.331   -6.795  1.00 61.05  ? 5   CYS A HB3  1 
ATOM   80  N  N    . LYS A 1 6  ? 3.374   1.480   -5.970  1.00 43.29  ? 6   LYS A N    1 
ATOM   81  C  CA   . LYS A 1 6  ? 4.787   1.186   -5.800  1.00 45.61  ? 6   LYS A CA   1 
ATOM   82  C  C    . LYS A 1 6  ? 4.946   0.016   -4.846  1.00 35.69  ? 6   LYS A C    1 
ATOM   83  O  O    . LYS A 1 6  ? 4.115   -0.196  -3.959  1.00 39.46  ? 6   LYS A O    1 
ATOM   84  C  CB   . LYS A 1 6  ? 5.553   2.400   -5.269  1.00 51.14  ? 6   LYS A CB   1 
ATOM   85  C  CG   . LYS A 1 6  ? 6.297   3.174   -6.333  1.00 74.56  ? 6   LYS A CG   1 
ATOM   86  C  CD   . LYS A 1 6  ? 6.735   4.511   -5.790  1.00 83.27  ? 6   LYS A CD   1 
ATOM   87  C  CE   . LYS A 1 6  ? 5.776   5.612   -6.189  1.00 82.31  ? 6   LYS A CE   1 
ATOM   88  N  NZ   . LYS A 1 6  ? 6.374   6.940   -5.917  1.00 89.33  ? 6   LYS A NZ   1 
ATOM   89  H  H    . LYS A 1 6  ? 2.874   1.202   -5.328  1.00 52.01  ? 6   LYS A H    1 
ATOM   90  H  HA   . LYS A 1 6  ? 5.162   0.933   -6.658  1.00 54.80  ? 6   LYS A HA   1 
ATOM   91  H  HB2  . LYS A 1 6  ? 4.923   3.007   -4.850  1.00 61.44  ? 6   LYS A HB2  1 
ATOM   92  H  HB3  . LYS A 1 6  ? 6.203   2.096   -4.616  1.00 61.44  ? 6   LYS A HB3  1 
ATOM   93  H  HG2  . LYS A 1 6  ? 7.084   2.678   -6.608  1.00 89.54  ? 6   LYS A HG2  1 
ATOM   94  H  HG3  . LYS A 1 6  ? 5.716   3.324   -7.096  1.00 89.54  ? 6   LYS A HG3  1 
ATOM   95  H  HD2  . LYS A 1 6  ? 6.766   4.470   -4.821  1.00 99.99  ? 6   LYS A HD2  1 
ATOM   96  H  HD3  . LYS A 1 6  ? 7.613   4.729   -6.141  1.00 99.99  ? 6   LYS A HD3  1 
ATOM   97  H  HE2  . LYS A 1 6  ? 5.582   5.547   -7.136  1.00 98.84  ? 6   LYS A HE2  1 
ATOM   98  H  HE3  . LYS A 1 6  ? 4.957   5.531   -5.675  1.00 98.84  ? 6   LYS A HE3  1 
ATOM   99  H  HZ1  . LYS A 1 6  ? 5.804   7.584   -6.150  1.00 107.27 ? 6   LYS A HZ1  1 
ATOM   100 H  HZ2  . LYS A 1 6  ? 6.560   7.020   -5.050  1.00 107.27 ? 6   LYS A HZ2  1 
ATOM   101 H  HZ3  . LYS A 1 6  ? 7.126   7.037   -6.384  1.00 107.27 ? 6   LYS A HZ3  1 
ATOM   102 N  N    . LEU A 1 7  ? 6.028   -0.730  -5.034  1.00 40.25  ? 7   LEU A N    1 
ATOM   103 C  CA   . LEU A 1 7  ? 6.362   -1.843  -4.160  1.00 39.77  ? 7   LEU A CA   1 
ATOM   104 C  C    . LEU A 1 7  ? 7.176   -1.340  -2.978  1.00 40.96  ? 7   LEU A C    1 
ATOM   105 O  O    . LEU A 1 7  ? 8.087   -0.526  -3.137  1.00 38.17  ? 7   LEU A O    1 
ATOM   106 C  CB   . LEU A 1 7  ? 7.149   -2.910  -4.922  1.00 43.06  ? 7   LEU A CB   1 
ATOM   107 C  CG   . LEU A 1 7  ? 6.423   -3.604  -6.076  1.00 47.83  ? 7   LEU A CG   1 
ATOM   108 C  CD1  . LEU A 1 7  ? 7.325   -4.665  -6.686  1.00 54.67  ? 7   LEU A CD1  1 
ATOM   109 C  CD2  . LEU A 1 7  ? 5.108   -4.221  -5.613  1.00 47.03  ? 7   LEU A CD2  1 
ATOM   110 H  H    . LEU A 1 7  ? 6.591   -0.608  -5.672  1.00 48.37  ? 7   LEU A H    1 
ATOM   111 H  HA   . LEU A 1 7  ? 5.548   -2.252  -3.825  1.00 47.79  ? 7   LEU A HA   1 
ATOM   112 H  HB2  . LEU A 1 7  ? 7.939   -2.489  -5.296  1.00 51.74  ? 7   LEU A HB2  1 
ATOM   113 H  HB3  . LEU A 1 7  ? 7.406   -3.600  -4.292  1.00 51.74  ? 7   LEU A HB3  1 
ATOM   114 H  HG   . LEU A 1 7  ? 6.206   -2.946  -6.755  1.00 57.47  ? 7   LEU A HG   1 
ATOM   115 H  HD11 . LEU A 1 7  ? 6.849   -5.109  -7.405  1.00 65.67  ? 7   LEU A HD11 1 
ATOM   116 H  HD12 . LEU A 1 7  ? 8.125   -4.237  -7.032  1.00 65.67  ? 7   LEU A HD12 1 
ATOM   117 H  HD13 . LEU A 1 7  ? 7.564   -5.308  -6.000  1.00 65.67  ? 7   LEU A HD13 1 
ATOM   118 H  HD21 . LEU A 1 7  ? 4.724   -4.730  -6.343  1.00 56.50  ? 7   LEU A HD21 1 
ATOM   119 H  HD22 . LEU A 1 7  ? 5.282   -4.806  -4.858  1.00 56.50  ? 7   LEU A HD22 1 
ATOM   120 H  HD23 . LEU A 1 7  ? 4.501   -3.512  -5.349  1.00 56.50  ? 7   LEU A HD23 1 
ATOM   121 N  N    . VAL A 1 8  ? 6.831   -1.815  -1.788  1.00 40.38  ? 8   VAL A N    1 
ATOM   122 C  CA   . VAL A 1 8  ? 7.584   -1.520  -0.577  1.00 34.46  ? 8   VAL A CA   1 
ATOM   123 C  C    . VAL A 1 8  ? 7.859   -2.836  0.130   1.00 38.32  ? 8   VAL A C    1 
ATOM   124 O  O    . VAL A 1 8  ? 6.986   -3.707  0.205   1.00 34.80  ? 8   VAL A O    1 
ATOM   125 C  CB   . VAL A 1 8  ? 6.831   -0.545  0.348   1.00 43.72  ? 8   VAL A CB   1 
ATOM   126 C  CG1  . VAL A 1 8  ? 6.238   0.596   -0.457  1.00 46.61  ? 8   VAL A CG1  1 
ATOM   127 C  CG2  . VAL A 1 8  ? 5.749   -1.277  1.118   1.00 51.94  ? 8   VAL A CG2  1 
ATOM   128 H  H    . VAL A 1 8  ? 6.150   -2.322  -1.655  1.00 48.52  ? 8   VAL A H    1 
ATOM   129 H  HA   . VAL A 1 8  ? 8.430   -1.107  -0.813  1.00 41.41  ? 8   VAL A HA   1 
ATOM   130 H  HB   . VAL A 1 8  ? 7.456   -0.169  0.989   1.00 52.53  ? 8   VAL A HB   1 
ATOM   131 H  HG11 . VAL A 1 8  ? 5.905   1.274   0.152   1.00 56.00  ? 8   VAL A HG11 1 
ATOM   132 H  HG12 . VAL A 1 8  ? 6.926   0.973   -1.028  1.00 56.00  ? 8   VAL A HG12 1 
ATOM   133 H  HG13 . VAL A 1 8  ? 5.509   0.255   -1.000  1.00 56.00  ? 8   VAL A HG13 1 
ATOM   134 H  HG21 . VAL A 1 8  ? 5.120   -0.629  1.471   1.00 62.40  ? 8   VAL A HG21 1 
ATOM   135 H  HG22 . VAL A 1 8  ? 5.294   -1.889  0.518   1.00 62.40  ? 8   VAL A HG22 1 
ATOM   136 H  HG23 . VAL A 1 8  ? 6.159   -1.771  1.846   1.00 62.40  ? 8   VAL A HG23 1 
ATOM   137 N  N    . PHE A 1 9  ? 9.072   -2.978  0.648   1.00 27.45  ? 9   PHE A N    1 
ATOM   138 C  CA   . PHE A 1 9  ? 9.527   -4.224  1.239   1.00 28.54  ? 9   PHE A CA   1 
ATOM   139 C  C    . PHE A 1 9  ? 9.945   -4.005  2.681   1.00 33.60  ? 9   PHE A C    1 
ATOM   140 O  O    . PHE A 1 9  ? 10.611  -3.016  3.004   1.00 41.41  ? 9   PHE A O    1 
ATOM   141 C  CB   . PHE A 1 9  ? 10.692  -4.802  0.448   1.00 29.95  ? 9   PHE A CB   1 
ATOM   142 C  CG   . PHE A 1 9  ? 10.330  -5.176  -0.952  1.00 41.96  ? 9   PHE A CG   1 
ATOM   143 C  CD1  . PHE A 1 9  ? 10.319  -4.224  -1.954  1.00 40.08  ? 9   PHE A CD1  1 
ATOM   144 C  CD2  . PHE A 1 9  ? 9.971   -6.474  -1.262  1.00 34.41  ? 9   PHE A CD2  1 
ATOM   145 C  CE1  . PHE A 1 9  ? 9.971   -4.567  -3.247  1.00 47.74  ? 9   PHE A CE1  1 
ATOM   146 C  CE2  . PHE A 1 9  ? 9.626   -6.821  -2.550  1.00 42.42  ? 9   PHE A CE2  1 
ATOM   147 C  CZ   . PHE A 1 9  ? 9.626   -5.865  -3.543  1.00 46.19  ? 9   PHE A CZ   1 
ATOM   148 H  H    . PHE A 1 9  ? 9.661   -2.352  0.668   1.00 33.01  ? 9   PHE A H    1 
ATOM   149 H  HA   . PHE A 1 9  ? 8.797   -4.863  1.237   1.00 34.31  ? 9   PHE A HA   1 
ATOM   150 H  HB2  . PHE A 1 9  ? 11.400  -4.142  0.406   1.00 36.00  ? 9   PHE A HB2  1 
ATOM   151 H  HB3  . PHE A 1 9  ? 11.009  -5.601  0.896   1.00 36.00  ? 9   PHE A HB3  1 
ATOM   152 H  HD1  . PHE A 1 9  ? 10.549  -3.345  -1.757  1.00 48.17  ? 9   PHE A HD1  1 
ATOM   153 H  HD2  . PHE A 1 9  ? 9.962   -7.120  -0.593  1.00 41.36  ? 9   PHE A HD2  1 
ATOM   154 H  HE1  . PHE A 1 9  ? 9.970   -3.920  -3.915  1.00 57.35  ? 9   PHE A HE1  1 
ATOM   155 H  HE2  . PHE A 1 9  ? 9.394   -7.699  -2.749  1.00 50.98  ? 9   PHE A HE2  1 
ATOM   156 H  HZ   . PHE A 1 9  ? 9.393   -6.098  -4.413  1.00 55.49  ? 9   PHE A HZ   1 
ATOM   157 N  N    . PHE A 1 10 ? 9.546   -4.934  3.539   1.00 33.78  ? 10  PHE A N    1 
ATOM   158 C  CA   . PHE A 1 10 ? 9.965   -4.969  4.935   1.00 42.25  ? 10  PHE A CA   1 
ATOM   159 C  C    . PHE A 1 10 ? 10.829  -6.214  5.106   1.00 47.93  ? 10  PHE A C    1 
ATOM   160 O  O    . PHE A 1 10 ? 10.315  -7.336  5.154   1.00 52.52  ? 10  PHE A O    1 
ATOM   161 C  CB   . PHE A 1 10 ? 8.757   -4.985  5.865   1.00 42.49  ? 10  PHE A CB   1 
ATOM   162 C  CG   . PHE A 1 10 ? 7.881   -3.772  5.743   1.00 43.63  ? 10  PHE A CG   1 
ATOM   163 C  CD1  . PHE A 1 10 ? 7.009   -3.639  4.677   1.00 51.22  ? 10  PHE A CD1  1 
ATOM   164 C  CD2  . PHE A 1 10 ? 7.923   -2.766  6.698   1.00 54.54  ? 10  PHE A CD2  1 
ATOM   165 C  CE1  . PHE A 1 10 ? 6.199   -2.525  4.559   1.00 59.30  ? 10  PHE A CE1  1 
ATOM   166 C  CE2  . PHE A 1 10 ? 7.112   -1.651  6.588   1.00 53.70  ? 10  PHE A CE2  1 
ATOM   167 C  CZ   . PHE A 1 10 ? 6.251   -1.531  5.512   1.00 46.47  ? 10  PHE A CZ   1 
ATOM   168 H  H    . PHE A 1 10 ? 9.014   -5.576  3.329   1.00 40.60  ? 10  PHE A H    1 
ATOM   169 H  HA   . PHE A 1 10 ? 10.495  -4.185  5.146   1.00 50.76  ? 10  PHE A HA   1 
ATOM   170 H  HB2  . PHE A 1 10 ? 8.215   -5.764  5.661   1.00 51.06  ? 10  PHE A HB2  1 
ATOM   171 H  HB3  . PHE A 1 10 ? 9.071   -5.031  6.783   1.00 51.06  ? 10  PHE A HB3  1 
ATOM   172 H  HD1  . PHE A 1 10 ? 6.968   -4.307  4.031   1.00 61.53  ? 10  PHE A HD1  1 
ATOM   173 H  HD2  . PHE A 1 10 ? 8.504   -2.842  7.420   1.00 65.52  ? 10  PHE A HD2  1 
ATOM   174 H  HE1  . PHE A 1 10 ? 5.620   -2.445  3.836   1.00 71.23  ? 10  PHE A HE1  1 
ATOM   175 H  HE2  . PHE A 1 10 ? 7.146   -0.985  7.235   1.00 64.50  ? 10  PHE A HE2  1 
ATOM   176 H  HZ   . PHE A 1 10 ? 5.707   -0.780  5.432   1.00 55.84  ? 10  PHE A HZ   1 
ATOM   177 N  N    . ALA A 1 11 ? 12.143  -6.017  5.173   1.00 53.80  ? 11  ALA A N    1 
ATOM   178 C  CA   . ALA A 1 11 ? 13.078  -7.117  5.394   1.00 57.44  ? 11  ALA A CA   1 
ATOM   179 C  C    . ALA A 1 11 ? 13.054  -7.465  6.876   1.00 72.77  ? 11  ALA A C    1 
ATOM   180 O  O    . ALA A 1 11 ? 13.688  -6.794  7.695   1.00 62.05  ? 11  ALA A O    1 
ATOM   181 C  CB   . ALA A 1 11 ? 14.477  -6.734  4.926   1.00 67.32  ? 11  ALA A CB   1 
ATOM   182 H  H    . ALA A 1 11 ? 12.521  -5.248  5.094   1.00 64.63  ? 11  ALA A H    1 
ATOM   183 H  HA   . ALA A 1 11 ? 12.797  -7.897  4.889   1.00 69.00  ? 11  ALA A HA   1 
ATOM   184 H  HB1  . ALA A 1 11 ? 15.079  -7.476  5.090   1.00 80.84  ? 11  ALA A HB1  1 
ATOM   185 H  HB2  . ALA A 1 11 ? 14.449  -6.533  3.977   1.00 80.84  ? 11  ALA A HB2  1 
ATOM   186 H  HB3  . ALA A 1 11 ? 14.772  -5.953  5.421   1.00 80.84  ? 11  ALA A HB3  1 
ATOM   187 N  N    . GLU A 1 12 ? 12.323  -8.521  7.229   1.00 75.12  ? 12  GLU A N    1 
ATOM   188 C  CA   . GLU A 1 12 ? 12.055  -8.834  8.631   1.00 81.74  ? 12  GLU A CA   1 
ATOM   189 C  C    . GLU A 1 12 ? 12.634  -10.175 9.102   1.00 90.91  ? 12  GLU A C    1 
ATOM   190 O  O    . GLU A 1 12 ? 11.999  -10.883 9.885   1.00 86.78  ? 12  GLU A O    1 
ATOM   191 C  CB   . GLU A 1 12 ? 10.539  -8.812  8.879   1.00 78.17  ? 12  GLU A CB   1 
ATOM   192 C  CG   . GLU A 1 12 ? 9.760   -9.991  8.279   1.00 78.60  ? 12  GLU A CG   1 
ATOM   193 C  CD   . GLU A 1 12 ? 8.619   -10.456 9.167   1.00 79.57  ? 12  GLU A CD   1 
ATOM   194 O  OE1  . GLU A 1 12 ? 8.781   -10.449 10.406  1.00 88.01  ? 12  GLU A OE1  1 
ATOM   195 O  OE2  . GLU A 1 12 ? 7.560   -10.835 8.626   1.00 79.03  ? 12  GLU A OE2  1 
ATOM   196 H  H    . GLU A 1 12 ? 11.970  -9.073  6.672   1.00 90.21  ? 12  GLU A H    1 
ATOM   197 H  HA   . GLU A 1 12 ? 12.496  -8.156  9.167   1.00 98.16  ? 12  GLU A HA   1 
ATOM   198 H  HB2  . GLU A 1 12 ? 10.386  -8.821  9.837   1.00 93.87  ? 12  GLU A HB2  1 
ATOM   199 H  HB3  . GLU A 1 12 ? 10.178  -7.999  8.493   1.00 93.87  ? 12  GLU A HB3  1 
ATOM   200 H  HG2  . GLU A 1 12 ? 9.386   -9.722  7.426   1.00 94.39  ? 12  GLU A HG2  1 
ATOM   201 H  HG3  . GLU A 1 12 ? 10.366  -10.738 8.154   1.00 94.39  ? 12  GLU A HG3  1 
HETATM 202 N  N    . ORN A 1 13 ? 16.165  -15.029 6.443   1.00 71.63  ? 13  ORN A N    1 
HETATM 203 C  CA   . ORN A 1 13 ? 15.044  -14.159 6.877   1.00 75.51  ? 13  ORN A CA   1 
HETATM 204 C  CB   . ORN A 1 13 ? 15.480  -12.671 6.874   1.00 75.07  ? 13  ORN A CB   1 
HETATM 205 C  CG   . ORN A 1 13 ? 15.773  -12.106 8.271   1.00 85.50  ? 13  ORN A CG   1 
HETATM 206 C  CD   . ORN A 1 13 ? 14.479  -11.795 9.047   1.00 87.32  ? 13  ORN A CD   1 
HETATM 207 N  NE   . ORN A 1 13 ? 13.876  -10.536 8.627   1.00 92.14  ? 13  ORN A NE   1 
HETATM 208 C  C    . ORN A 1 13 ? 13.815  -14.372 5.954   1.00 73.97  ? 13  ORN A C    1 
HETATM 209 O  O    . ORN A 1 13 ? 13.733  -15.343 5.198   1.00 80.86  ? 13  ORN A O    1 
HETATM 210 H  H2   . ORN A 1 13 ? 16.575  -14.762 5.544   1.00 86.02  ? 13  ORN A H2   1 
HETATM 211 H  H    . ORN A 1 13 ? 16.956  -15.045 7.092   1.00 86.02  ? 13  ORN A H    1 
HETATM 212 H  HA   . ORN A 1 13 ? 14.765  -14.487 7.882   1.00 90.68  ? 13  ORN A HA   1 
HETATM 213 H  HB2  . ORN A 1 13 ? 16.397  -12.576 6.277   1.00 90.15  ? 13  ORN A HB2  1 
HETATM 214 H  HB3  . ORN A 1 13 ? 14.671  -12.069 6.435   1.00 90.15  ? 13  ORN A HB3  1 
HETATM 215 H  HG2  . ORN A 1 13 ? 16.365  -11.189 8.173   1.00 102.66 ? 13  ORN A HG2  1 
HETATM 216 H  HG3  . ORN A 1 13 ? 16.367  -12.833 8.836   1.00 102.66 ? 13  ORN A HG3  1 
HETATM 217 H  HD2  . ORN A 1 13 ? 14.716  -11.731 10.114  1.00 104.84 ? 13  ORN A HD2  1 
HETATM 218 H  HD3  . ORN A 1 13 ? 13.762  -12.602 8.871   1.00 104.84 ? 13  ORN A HD3  1 
HETATM 219 H  HE1  . ORN A 1 13 ? 14.419  -9.962  7.984   1.00 110.64 ? 13  ORN A HE1  1 
ATOM   220 N  N    . ALA A 1 14 ? 12.834  -13.417 6.043   1.00 64.63  ? 14  ALA A N    1 
ATOM   221 C  CA   . ALA A 1 14 ? 11.626  -13.459 5.237   1.00 51.91  ? 14  ALA A CA   1 
ATOM   222 C  C    . ALA A 1 14 ? 11.254  -12.027 4.887   1.00 54.81  ? 14  ALA A C    1 
ATOM   223 O  O    . ALA A 1 14 ? 11.002  -11.210 5.771   1.00 60.28  ? 14  ALA A O    1 
ATOM   224 C  CB   . ALA A 1 14 ? 10.501  -14.153 5.977   1.00 64.23  ? 14  ALA A CB   1 
ATOM   225 H  H    . ALA A 1 14 ? 12.868  -12.740 6.573   1.00 77.63  ? 14  ALA A H    1 
ATOM   226 H  HA   . ALA A 1 14 ? 11.768  -13.974 4.426   1.00 62.36  ? 14  ALA A HA   1 
ATOM   227 H  HB1  . ALA A 1 14 ? 9.698   -14.119 5.435   1.00 77.14  ? 14  ALA A HB1  1 
ATOM   228 H  HB2  . ALA A 1 14 ? 10.751  -15.075 6.140   1.00 77.14  ? 14  ALA A HB2  1 
ATOM   229 H  HB3  . ALA A 1 14 ? 10.351  -13.698 6.820   1.00 77.14  ? 14  ALA A HB3  1 
ATOM   230 N  N    . ILE A 1 15 ? 11.237  -11.726 3.593   1.00 52.19  ? 15  ILE A N    1 
ATOM   231 C  CA   . ILE A 1 15 ? 11.004  -10.376 3.094   1.00 42.82  ? 15  ILE A CA   1 
ATOM   232 C  C    . ILE A 1 15 ? 9.529   -10.242 2.741   1.00 52.12  ? 15  ILE A C    1 
ATOM   233 O  O    . ILE A 1 15 ? 8.977   -11.075 2.011   1.00 45.38  ? 15  ILE A O    1 
ATOM   234 C  CB   . ILE A 1 15 ? 11.900  -10.079 1.881   1.00 47.61  ? 15  ILE A CB   1 
ATOM   235 C  CG1  . ILE A 1 15 ? 13.375  -10.228 2.270   1.00 39.24  ? 15  ILE A CG1  1 
ATOM   236 C  CG2  . ILE A 1 15 ? 11.607  -8.690  1.318   1.00 40.45  ? 15  ILE A CG2  1 
ATOM   237 C  CD1  . ILE A 1 15 ? 14.341  -9.888  1.159   1.00 43.21  ? 15  ILE A CD1  1 
ATOM   238 H  H    . ILE A 1 15 ? 11.362  -12.302 2.968   1.00 62.70  ? 15  ILE A H    1 
ATOM   239 H  HA   . ILE A 1 15 ? 11.207  -9.730  3.788   1.00 51.45  ? 15  ILE A HA   1 
ATOM   240 H  HB   . ILE A 1 15 ? 11.705  -10.723 1.182   1.00 57.20  ? 15  ILE A HB   1 
ATOM   241 H  HG12 . ILE A 1 15 ? 13.561  -9.636  3.014   1.00 47.16  ? 15  ILE A HG12 1 
ATOM   242 H  HG13 . ILE A 1 15 ? 13.535  -11.148 2.530   1.00 47.16  ? 15  ILE A HG13 1 
ATOM   243 H  HG21 . ILE A 1 15 ? 12.185  -8.529  0.557   1.00 48.61  ? 15  ILE A HG21 1 
ATOM   244 H  HG22 . ILE A 1 15 ? 10.678  -8.650  1.043   1.00 48.61  ? 15  ILE A HG22 1 
ATOM   245 H  HG23 . ILE A 1 15 ? 11.777  -8.028  2.008   1.00 48.61  ? 15  ILE A HG23 1 
ATOM   246 H  HD11 . ILE A 1 15 ? 15.221  -10.224 1.391   1.00 51.92  ? 15  ILE A HD11 1 
ATOM   247 H  HD12 . ILE A 1 15 ? 14.036  -10.303 0.337   1.00 51.92  ? 15  ILE A HD12 1 
ATOM   248 H  HD13 . ILE A 1 15 ? 14.372  -8.925  1.052   1.00 51.92  ? 15  ILE A HD13 1 
ATOM   249 N  N    . ILE A 1 16 ? 8.894   -9.190  3.249   1.00 47.58  ? 16  ILE A N    1 
ATOM   250 C  CA   . ILE A 1 16 ? 7.458   -9.004  3.088   1.00 45.78  ? 16  ILE A CA   1 
ATOM   251 C  C    . ILE A 1 16 ? 7.175   -7.933  2.035   1.00 42.32  ? 16  ILE A C    1 
ATOM   252 O  O    . ILE A 1 16 ? 7.441   -6.756  2.279   1.00 37.97  ? 16  ILE A O    1 
ATOM   253 C  CB   . ILE A 1 16 ? 6.786   -8.615  4.418   1.00 47.18  ? 16  ILE A CB   1 
ATOM   254 C  CG1  . ILE A 1 16 ? 7.186   -9.579  5.544   1.00 52.64  ? 16  ILE A CG1  1 
ATOM   255 C  CG2  . ILE A 1 16 ? 5.276   -8.554  4.237   1.00 48.11  ? 16  ILE A CG2  1 
ATOM   256 C  CD1  . ILE A 1 16 ? 6.274   -10.769 5.698   1.00 54.82  ? 16  ILE A CD1  1 
ATOM   257 H  H    . ILE A 1 16 ? 9.277   -8.564  3.698   1.00 57.16  ? 16  ILE A H    1 
ATOM   258 H  HA   . ILE A 1 16 ? 7.080   -9.847  2.791   1.00 55.01  ? 16  ILE A HA   1 
ATOM   259 H  HB   . ILE A 1 16 ? 7.099   -7.733  4.677   1.00 56.69  ? 16  ILE A HB   1 
ATOM   260 H  HG12 . ILE A 1 16 ? 8.078   -9.914  5.363   1.00 63.24  ? 16  ILE A HG12 1 
ATOM   261 H  HG13 . ILE A 1 16 ? 7.179   -9.093  6.384   1.00 63.24  ? 16  ILE A HG13 1 
ATOM   262 H  HG21 . ILE A 1 16 ? 4.858   -8.442  5.105   1.00 57.80  ? 16  ILE A HG21 1 
ATOM   263 H  HG22 . ILE A 1 16 ? 5.056   -7.802  3.664   1.00 57.80  ? 16  ILE A HG22 1 
ATOM   264 H  HG23 . ILE A 1 16 ? 4.973   -9.380  3.828   1.00 57.80  ? 16  ILE A HG23 1 
ATOM   265 H  HD11 . ILE A 1 16 ? 6.661   -11.381 6.344   1.00 65.85  ? 16  ILE A HD11 1 
ATOM   266 H  HD12 . ILE A 1 16 ? 5.407   -10.465 6.009   1.00 65.85  ? 16  ILE A HD12 1 
ATOM   267 H  HD13 . ILE A 1 16 ? 6.182   -11.209 4.839   1.00 65.85  ? 16  ILE A HD13 1 
HETATM 268 N  N    . SAR A 1 17 ? 6.640   -8.326  0.878   1.00 37.10  ? 17  SAR A N    1 
HETATM 269 C  CA   . SAR A 1 17 ? 6.270   -7.377  -0.152  1.00 35.07  ? 17  SAR A CA   1 
HETATM 270 C  C    . SAR A 1 17 ? 5.007   -6.908  0.006   1.00 47.48  ? 17  SAR A C    1 
HETATM 271 O  O    . SAR A 1 17 ? 4.114   -7.650  0.315   1.00 47.05  ? 17  SAR A O    1 
HETATM 272 C  CN   . SAR A 1 17 ? 6.535   -9.694  0.408   1.00 48.27  ? 17  SAR A CN   1 
HETATM 273 H  HA2  . SAR A 1 17 ? 6.310   -7.789  -1.026  1.00 42.15  ? 17  SAR A HA2  1 
HETATM 274 H  HA3  . SAR A 1 17 ? 6.860   -6.611  -0.138  1.00 42.15  ? 17  SAR A HA3  1 
HETATM 275 H  HN1  . SAR A 1 17 ? 7.434   -10.088 0.340   1.00 57.99  ? 17  SAR A HN1  1 
HETATM 276 H  HN2  . SAR A 1 17 ? 6.103   -9.706  -0.477  1.00 57.99  ? 17  SAR A HN2  1 
HETATM 277 H  HN3  . SAR A 1 17 ? 5.995   -10.218 1.042   1.00 57.99  ? 17  SAR A HN3  1 
ATOM   278 N  N    . LEU A 1 18 ? 4.835   -5.602  -0.182  1.00 36.21  ? 18  LEU A N    1 
ATOM   279 C  CA   . LEU A 1 18 ? 3.514   -4.981  -0.180  1.00 39.67  ? 18  LEU A CA   1 
ATOM   280 C  C    . LEU A 1 18 ? 3.428   -3.968  -1.309  1.00 42.58  ? 18  LEU A C    1 
ATOM   281 O  O    . LEU A 1 18 ? 4.445   -3.449  -1.763  1.00 47.94  ? 18  LEU A O    1 
ATOM   282 C  CB   . LEU A 1 18 ? 3.220   -4.286  1.153   1.00 44.22  ? 18  LEU A CB   1 
ATOM   283 C  CG   . LEU A 1 18 ? 3.107   -5.158  2.400   1.00 39.73  ? 18  LEU A CG   1 
ATOM   284 C  CD1  . LEU A 1 18 ? 3.032   -4.281  3.635   1.00 51.04  ? 18  LEU A CD1  1 
ATOM   285 C  CD2  . LEU A 1 18 ? 1.891   -6.067  2.311   1.00 55.08  ? 18  LEU A CD2  1 
ATOM   286 H  H    . LEU A 1 18 ? 5.477   -5.046  -0.315  1.00 43.52  ? 18  LEU A H    1 
ATOM   287 H  HA   . LEU A 1 18 ? 2.839   -5.668  -0.300  1.00 47.67  ? 18  LEU A HA   1 
ATOM   288 H  HB2  . LEU A 1 18 ? 3.936   -3.652  1.319   1.00 53.12  ? 18  LEU A HB2  1 
ATOM   289 H  HB3  . LEU A 1 18 ? 2.376   -3.816  1.061   1.00 53.12  ? 18  LEU A HB3  1 
ATOM   290 H  HG   . LEU A 1 18 ? 3.892   -5.724  2.471   1.00 47.74  ? 18  LEU A HG   1 
ATOM   291 H  HD11 . LEU A 1 18 ? 3.171   -4.830  4.421   1.00 61.32  ? 18  LEU A HD11 1 
ATOM   292 H  HD12 . LEU A 1 18 ? 3.719   -3.600  3.580   1.00 61.32  ? 18  LEU A HD12 1 
ATOM   293 H  HD13 . LEU A 1 18 ? 2.156   -3.864  3.672   1.00 61.32  ? 18  LEU A HD13 1 
ATOM   294 H  HD21 . LEU A 1 18 ? 1.815   -6.575  3.134   1.00 66.16  ? 18  LEU A HD21 1 
ATOM   295 H  HD22 . LEU A 1 18 ? 1.099   -5.523  2.184   1.00 66.16  ? 18  LEU A HD22 1 
ATOM   296 H  HD23 . LEU A 1 18 ? 2.002   -6.670  1.558   1.00 66.16  ? 18  LEU A HD23 1 
ATOM   297 N  N    . MET A 1 19 ? 2.211   -3.686  -1.758  1.00 35.25  ? 19  MET A N    1 
ATOM   298 C  CA   . MET A 1 19 ? 1.967   -2.682  -2.781  1.00 36.18  ? 19  MET A CA   1 
ATOM   299 C  C    . MET A 1 19 ? 1.136   -1.562  -2.173  1.00 30.75  ? 19  MET A C    1 
ATOM   300 O  O    . MET A 1 19 ? 0.207   -1.815  -1.399  1.00 36.49  ? 19  MET A O    1 
ATOM   301 C  CB   . MET A 1 19 ? 1.258   -3.290  -4.001  1.00 38.18  ? 19  MET A CB   1 
ATOM   302 C  CG   . MET A 1 19 ? 0.701   -2.269  -4.985  1.00 48.56  ? 19  MET A CG   1 
ATOM   303 S  SD   . MET A 1 19 ? 0.085   -3.039  -6.495  1.00 88.68  ? 19  MET A SD   1 
ATOM   304 C  CE   . MET A 1 19 ? -1.588  -3.453  -6.007  1.00 91.21  ? 19  MET A CE   1 
ATOM   305 H  H    . MET A 1 19 ? 1.495   -4.073  -1.478  1.00 42.37  ? 19  MET A H    1 
ATOM   306 H  HA   . MET A 1 19 ? 2.807   -2.316  -3.097  1.00 43.48  ? 19  MET A HA   1 
ATOM   307 H  HB2  . MET A 1 19 ? 1.893   -3.844  -4.481  1.00 45.88  ? 19  MET A HB2  1 
ATOM   308 H  HB3  . MET A 1 19 ? 0.515   -3.830  -3.689  1.00 45.88  ? 19  MET A HB3  1 
ATOM   309 H  HG2  . MET A 1 19 ? -0.034  -1.793  -4.568  1.00 58.34  ? 19  MET A HG2  1 
ATOM   310 H  HG3  . MET A 1 19 ? 1.404   -1.646  -5.229  1.00 58.34  ? 19  MET A HG3  1 
ATOM   311 H  HE1  . MET A 1 19 ? -2.033  -3.892  -6.748  1.00 109.52 ? 19  MET A HE1  1 
ATOM   312 H  HE2  . MET A 1 19 ? -1.556  -4.048  -5.241  1.00 109.52 ? 19  MET A HE2  1 
ATOM   313 H  HE3  . MET A 1 19 ? -2.061  -2.639  -5.773  1.00 109.52 ? 19  MET A HE3  1 
ATOM   314 N  N    . VAL A 1 20 ? 1.492   -0.326  -2.509  1.00 31.90  ? 20  VAL A N    1 
ATOM   315 C  CA   . VAL A 1 20 ? 0.844   0.864   -1.973  1.00 34.25  ? 20  VAL A CA   1 
ATOM   316 C  C    . VAL A 1 20 ? 0.420   1.738   -3.141  1.00 33.05  ? 20  VAL A C    1 
ATOM   317 O  O    . VAL A 1 20 ? 1.256   2.127   -3.962  1.00 37.88  ? 20  VAL A O    1 
ATOM   318 C  CB   . VAL A 1 20 ? 1.774   1.649   -1.032  1.00 29.72  ? 20  VAL A CB   1 
ATOM   319 C  CG1  . VAL A 1 20 ? 1.028   2.817   -0.413  1.00 34.73  ? 20  VAL A CG1  1 
ATOM   320 C  CG2  . VAL A 1 20 ? 2.331   0.731   0.035   1.00 38.00  ? 20  VAL A CG2  1 
ATOM   321 H  H    . VAL A 1 20 ? 2.126   -0.147  -3.062  1.00 38.35  ? 20  VAL A H    1 
ATOM   322 H  HA   . VAL A 1 20 ? 0.051   0.600   -1.481  1.00 41.16  ? 20  VAL A HA   1 
ATOM   323 H  HB   . VAL A 1 20 ? 2.520   2.006   -1.538  1.00 35.73  ? 20  VAL A HB   1 
ATOM   324 H  HG11 . VAL A 1 20 ? 1.584   3.220   0.272   1.00 41.74  ? 20  VAL A HG11 1 
ATOM   325 H  HG12 . VAL A 1 20 ? 0.831   3.468   -1.105  1.00 41.74  ? 20  VAL A HG12 1 
ATOM   326 H  HG13 . VAL A 1 20 ? 0.203   2.492   -0.020  1.00 41.74  ? 20  VAL A HG13 1 
ATOM   327 H  HG21 . VAL A 1 20 ? 2.826   1.261   0.679   1.00 45.67  ? 20  VAL A HG21 1 
ATOM   328 H  HG22 . VAL A 1 20 ? 1.597   0.277   0.476   1.00 45.67  ? 20  VAL A HG22 1 
ATOM   329 H  HG23 . VAL A 1 20 ? 2.918   0.082   -0.383  1.00 45.67  ? 20  VAL A HG23 1 
ATOM   330 N  N    . CYS A 1 21 ? -0.870  2.059   -3.202  1.00 33.60  ? 21  CYS A N    1 
ATOM   331 C  CA   . CYS A 1 21 ? -1.451  2.781   -4.324  1.00 33.55  ? 21  CYS A CA   1 
ATOM   332 C  C    . CYS A 1 21 ? -2.133  4.043   -3.823  1.00 30.84  ? 21  CYS A C    1 
ATOM   333 O  O    . CYS A 1 21 ? -2.944  3.990   -2.893  1.00 36.89  ? 21  CYS A O    1 
ATOM   334 C  CB   . CYS A 1 21 ? -2.458  1.906   -5.073  1.00 40.43  ? 21  CYS A CB   1 
ATOM   335 S  SG   . CYS A 1 21 ? -1.730  0.437   -5.806  1.00 56.01  ? 21  CYS A SG   1 
ATOM   336 H  H    . CYS A 1 21 ? -1.440  1.862   -2.589  1.00 40.38  ? 21  CYS A H    1 
ATOM   337 H  HA   . CYS A 1 21 ? -0.745  3.041   -4.936  1.00 40.32  ? 21  CYS A HA   1 
ATOM   338 H  HB2  . CYS A 1 21 ? -3.146  1.619   -4.453  1.00 48.58  ? 21  CYS A HB2  1 
ATOM   339 H  HB3  . CYS A 1 21 ? -2.855  2.428   -5.788  1.00 48.58  ? 21  CYS A HB3  1 
ATOM   340 N  N    . GLY A 1 22 ? -1.796  5.170   -4.440  1.00 35.35  ? 22  GLY A N    1 
ATOM   341 C  CA   . GLY A 1 22 ? -2.499  6.415   -4.206  1.00 53.05  ? 22  GLY A CA   1 
ATOM   342 C  C    . GLY A 1 22 ? -3.070  6.934   -5.509  1.00 51.52  ? 22  GLY A C    1 
ATOM   343 O  O    . GLY A 1 22 ? -2.590  6.564   -6.584  1.00 54.23  ? 22  GLY A O    1 
ATOM   344 H  H    . GLY A 1 22 ? -1.152  5.237   -5.006  1.00 42.49  ? 22  GLY A H    1 
ATOM   345 H  HA2  . GLY A 1 22 ? -3.223  6.274   -3.577  1.00 63.73  ? 22  GLY A HA2  1 
ATOM   346 H  HA3  . GLY A 1 22 ? -1.888  7.076   -3.843  1.00 63.73  ? 22  GLY A HA3  1 
ATOM   347 N  N    . VAL A 1 23 ? -4.087  7.785   -5.435  1.00 56.36  ? 23  VAL A N    1 
ATOM   348 C  CA   . VAL A 1 23 ? -4.780  8.238   -6.636  1.00 59.80  ? 23  VAL A CA   1 
ATOM   349 C  C    . VAL A 1 23 ? -4.558  9.732   -6.868  1.00 65.58  ? 23  VAL A C    1 
ATOM   350 O  O    . VAL A 1 23 ? -4.767  10.545  -5.969  1.00 69.58  ? 23  VAL A O    1 
ATOM   351 C  CB   . VAL A 1 23 ? -6.285  7.913   -6.550  1.00 56.32  ? 23  VAL A CB   1 
ATOM   352 C  CG1  . VAL A 1 23 ? -6.946  8.700   -5.422  1.00 63.96  ? 23  VAL A CG1  1 
ATOM   353 C  CG2  . VAL A 1 23 ? -6.967  8.190   -7.880  1.00 64.70  ? 23  VAL A CG2  1 
ATOM   354 H  H    . VAL A 1 23 ? -4.395  8.115   -4.703  1.00 67.69  ? 23  VAL A H    1 
ATOM   355 H  HA   . VAL A 1 23 ? -4.410  7.768   -7.401  1.00 71.82  ? 23  VAL A HA   1 
ATOM   356 H  HB   . VAL A 1 23 ? -6.388  6.969   -6.351  1.00 67.66  ? 23  VAL A HB   1 
ATOM   357 H  HG11 . VAL A 1 23 ? -7.821  8.321   -5.243  1.00 76.81  ? 23  VAL A HG11 1 
ATOM   358 H  HG12 . VAL A 1 23 ? -6.393  8.640   -4.628  1.00 76.81  ? 23  VAL A HG12 1 
ATOM   359 H  HG13 . VAL A 1 23 ? -7.037  9.627   -5.693  1.00 76.81  ? 23  VAL A HG13 1 
ATOM   360 H  HG21 . VAL A 1 23 ? -7.867  7.830   -7.854  1.00 77.71  ? 23  VAL A HG21 1 
ATOM   361 H  HG22 . VAL A 1 23 ? -6.997  9.149   -8.025  1.00 77.71  ? 23  VAL A HG22 1 
ATOM   362 H  HG23 . VAL A 1 23 ? -6.460  7.764   -8.590  1.00 77.71  ? 23  VAL A HG23 1 
ATOM   363 N  N    . VAL A 1 24 ? -4.141  10.089  -8.077  1.00 66.93  ? 24  VAL A N    1 
ATOM   364 C  CA   . VAL A 1 24 ? -3.815  11.343  -8.746  1.00 63.31  ? 24  VAL A CA   1 
ATOM   365 C  C    . VAL A 1 24 ? -4.807  11.595  -9.877  1.00 73.71  ? 24  VAL A C    1 
ATOM   366 O  O    . VAL A 1 24 ? -4.520  11.305  -11.039 1.00 65.88  ? 24  VAL A O    1 
ATOM   367 C  CB   . VAL A 1 24 ? -2.375  11.341  -9.290  1.00 64.15  ? 24  VAL A CB   1 
ATOM   368 C  CG1  . VAL A 1 24 ? -1.999  12.726  -9.798  1.00 57.33  ? 24  VAL A CG1  1 
ATOM   369 C  CG2  . VAL A 1 24 ? -1.397  10.884  -8.221  1.00 59.02  ? 24  VAL A CG2  1 
ATOM   370 H  H    . VAL A 1 24 ? -4.049  9.390   -8.580  1.00 80.39  ? 24  VAL A H    1 
ATOM   371 H  HA   . VAL A 1 24 ? -3.880  12.064  -8.101  1.00 76.04  ? 24  VAL A HA   1 
ATOM   372 H  HB   . VAL A 1 24 ? -2.321  10.716  -10.030 1.00 77.04  ? 24  VAL A HB   1 
ATOM   373 H  HG11 . VAL A 1 24 ? -1.062  12.728  -10.047 1.00 68.87  ? 24  VAL A HG11 1 
ATOM   374 H  HG12 . VAL A 1 24 ? -2.547  12.937  -10.571 1.00 68.87  ? 24  VAL A HG12 1 
ATOM   375 H  HG13 . VAL A 1 24 ? -2.156  13.374  -9.093  1.00 68.87  ? 24  VAL A HG13 1 
ATOM   376 H  HG21 . VAL A 1 24 ? -0.492  11.046  -8.531  1.00 70.89  ? 24  VAL A HG21 1 
ATOM   377 H  HG22 . VAL A 1 24 ? -1.562  11.385  -7.407  1.00 70.89  ? 24  VAL A HG22 1 
ATOM   378 H  HG23 . VAL A 1 24 ? -1.527  9.937   -8.059  1.00 70.89  ? 24  VAL A HG23 1 
HETATM 379 N  N    . ORN B 1 1  ? -3.614  -18.355 -4.270  1.00 98.16  ? 1   ORN B N    1 
HETATM 380 C  CA   . ORN B 1 1  ? -3.515  -17.577 -3.003  1.00 95.46  ? 1   ORN B CA   1 
HETATM 381 C  CB   . ORN B 1 1  ? -2.038  -17.380 -2.649  1.00 93.04  ? 1   ORN B CB   1 
HETATM 382 C  CG   . ORN B 1 1  ? -1.720  -16.311 -1.627  1.00 89.71  ? 1   ORN B CG   1 
HETATM 383 C  CD   . ORN B 1 1  ? -1.819  -16.719 -0.148  1.00 87.72  ? 1   ORN B CD   1 
HETATM 384 N  NE   . ORN B 1 1  ? -1.607  -15.520 0.631   1.00 95.41  ? 1   ORN B NE   1 
HETATM 385 C  C    . ORN B 1 1  ? -4.337  -16.236 -3.222  1.00 85.76  ? 1   ORN B C    1 
HETATM 386 O  O    . ORN B 1 1  ? -4.561  -15.815 -4.365  1.00 83.18  ? 1   ORN B O    1 
HETATM 387 H  H1   . ORN B 1 1  ? -3.180  -19.280 -4.225  1.00 117.86 ? 1   ORN B H1   1 
HETATM 388 H  H2   . ORN B 1 1  ? -3.173  -17.900 -5.073  1.00 117.86 ? 1   ORN B H2   1 
HETATM 389 H  H3   . ORN B 1 1  ? -4.575  -18.535 -4.572  1.00 117.86 ? 1   ORN B H3   1 
HETATM 390 H  HA   . ORN B 1 1  ? -3.996  -18.102 -2.172  1.00 114.62 ? 1   ORN B HA   1 
HETATM 391 H  HB2  . ORN B 1 1  ? -1.656  -18.329 -2.247  1.00 111.71 ? 1   ORN B HB2  1 
HETATM 392 H  HB3  . ORN B 1 1  ? -1.503  -17.110 -3.570  1.00 111.71 ? 1   ORN B HB3  1 
HETATM 393 H  HG2  . ORN B 1 1  ? -2.405  -15.472 -1.793  1.00 107.72 ? 1   ORN B HG2  1 
HETATM 394 H  HG3  . ORN B 1 1  ? -0.700  -15.957 -1.813  1.00 107.72 ? 1   ORN B HG3  1 
HETATM 395 H  HD2  . ORN B 1 1  ? -1.048  -17.460 0.089   1.00 105.34 ? 1   ORN B HD2  1 
HETATM 396 H  HD3  . ORN B 1 1  ? -2.811  -17.130 0.063   1.00 105.34 ? 1   ORN B HD3  1 
HETATM 397 H  HE1  . ORN B 1 1  ? -0.654  -15.166 0.628   1.00 114.56 ? 1   ORN B HE1  1 
ATOM   398 N  N    . VAL B 1 2  ? -4.827  -15.606 -2.094  1.00 80.96  ? 2   VAL B N    1 
ATOM   399 C  CA   . VAL B 1 2  ? -5.661  -14.398 -2.178  1.00 74.75  ? 2   VAL B CA   1 
ATOM   400 C  C    . VAL B 1 2  ? -4.985  -13.061 -1.886  1.00 66.82  ? 2   VAL B C    1 
ATOM   401 O  O    . VAL B 1 2  ? -4.048  -12.971 -1.091  1.00 70.37  ? 2   VAL B O    1 
ATOM   402 C  CB   . VAL B 1 2  ? -6.879  -14.580 -1.250  1.00 75.87  ? 2   VAL B CB   1 
ATOM   403 C  CG1  . VAL B 1 2  ? -6.501  -14.425 0.219   1.00 72.26  ? 2   VAL B CG1  1 
ATOM   404 C  CG2  . VAL B 1 2  ? -7.982  -13.626 -1.616  1.00 67.35  ? 2   VAL B CG2  1 
ATOM   405 H  H    . VAL B 1 2  ? -4.680  -15.873 -1.289  1.00 97.21  ? 2   VAL B H    1 
ATOM   406 H  HA   . VAL B 1 2  ? -5.905  -14.317 -3.113  1.00 89.77  ? 2   VAL B HA   1 
ATOM   407 H  HB   . VAL B 1 2  ? -7.206  -15.484 -1.371  1.00 91.11  ? 2   VAL B HB   1 
ATOM   408 H  HG11 . VAL B 1 2  ? -7.297  -14.528 0.762   1.00 86.78  ? 2   VAL B HG11 1 
ATOM   409 H  HG12 . VAL B 1 2  ? -5.851  -15.107 0.450   1.00 86.78  ? 2   VAL B HG12 1 
ATOM   410 H  HG13 . VAL B 1 2  ? -6.120  -13.543 0.355   1.00 86.78  ? 2   VAL B HG13 1 
ATOM   411 H  HG21 . VAL B 1 2  ? -8.694  -13.702 -0.961  1.00 80.88  ? 2   VAL B HG21 1 
ATOM   412 H  HG22 . VAL B 1 2  ? -7.629  -12.722 -1.620  1.00 80.88  ? 2   VAL B HG22 1 
ATOM   413 H  HG23 . VAL B 1 2  ? -8.317  -13.854 -2.497  1.00 80.88  ? 2   VAL B HG23 1 
ATOM   414 N  N    . HIS B 1 3  ? -5.481  -12.032 -2.579  1.00 53.46  ? 3   HIS B N    1 
ATOM   415 C  CA   . HIS B 1 3  ? -5.063  -10.651 -2.378  1.00 57.30  ? 3   HIS B CA   1 
ATOM   416 C  C    . HIS B 1 3  ? -5.932  -9.999  -1.313  1.00 46.70  ? 3   HIS B C    1 
ATOM   417 O  O    . HIS B 1 3  ? -7.164  -10.088 -1.370  1.00 37.46  ? 3   HIS B O    1 
ATOM   418 C  CB   . HIS B 1 3  ? -5.176  -9.844  -3.673  1.00 57.63  ? 3   HIS B CB   1 
ATOM   419 C  CG   . HIS B 1 3  ? -4.103  -10.134 -4.678  1.00 70.83  ? 3   HIS B CG   1 
ATOM   420 N  ND1  . HIS B 1 3  ? -4.045  -11.312 -5.391  1.00 73.04  ? 3   HIS B ND1  1 
ATOM   421 C  CD2  . HIS B 1 3  ? -3.063  -9.382  -5.107  1.00 85.20  ? 3   HIS B CD2  1 
ATOM   422 C  CE1  . HIS B 1 3  ? -3.006  -11.279 -6.207  1.00 75.72  ? 3   HIS B CE1  1 
ATOM   423 N  NE2  . HIS B 1 3  ? -2.393  -10.120 -6.055  1.00 78.52  ? 3   HIS B NE2  1 
ATOM   424 H  H    . HIS B 1 3  ? -6.081  -12.115 -3.190  1.00 64.21  ? 3   HIS B H    1 
ATOM   425 H  HA   . HIS B 1 3  ? -4.138  -10.648 -2.088  1.00 68.82  ? 3   HIS B HA   1 
ATOM   426 H  HB2  . HIS B 1 3  ? -6.029  -10.044 -4.089  1.00 69.23  ? 3   HIS B HB2  1 
ATOM   427 H  HB3  . HIS B 1 3  ? -5.126  -8.900  -3.455  1.00 69.23  ? 3   HIS B HB3  1 
ATOM   428 H  HD2  . HIS B 1 3  ? -2.842  -8.526  -4.817  1.00 102.31 ? 3   HIS B HD2  1 
ATOM   429 H  HE1  . HIS B 1 3  ? -2.750  -11.957 -6.789  1.00 90.93  ? 3   HIS B HE1  1 
ATOM   430 H  HE2  . HIS B 1 3  ? -1.688  -9.868  -6.479  1.00 94.29  ? 3   HIS B HE2  1 
ATOM   431 N  N    . HIS B 1 4  ? -5.289  -9.333  -0.357  1.00 38.26  ? 4   HIS B N    1 
ATOM   432 C  CA   . HIS B 1 4  ? -5.967  -8.526  0.648   1.00 35.80  ? 4   HIS B CA   1 
ATOM   433 C  C    . HIS B 1 4  ? -5.515  -7.079  0.514   1.00 44.02  ? 4   HIS B C    1 
ATOM   434 O  O    . HIS B 1 4  ? -4.325  -6.808  0.330   1.00 48.74  ? 4   HIS B O    1 
ATOM   435 C  CB   . HIS B 1 4  ? -5.673  -9.027  2.065   1.00 59.40  ? 4   HIS B CB   1 
ATOM   436 C  CG   . HIS B 1 4  ? -6.557  -10.151 2.505   1.00 63.07  ? 4   HIS B CG   1 
ATOM   437 N  ND1  . HIS B 1 4  ? -6.420  -11.438 2.030   1.00 67.06  ? 4   HIS B ND1  1 
ATOM   438 C  CD2  . HIS B 1 4  ? -7.593  -10.181 3.377   1.00 67.83  ? 4   HIS B CD2  1 
ATOM   439 C  CE1  . HIS B 1 4  ? -7.332  -12.212 2.592   1.00 66.72  ? 4   HIS B CE1  1 
ATOM   440 N  NE2  . HIS B 1 4  ? -8.057  -11.474 3.413   1.00 75.67  ? 4   HIS B NE2  1 
ATOM   441 H  H    . HIS B 1 4  ? -4.434  -9.336  -0.268  1.00 45.98  ? 4   HIS B H    1 
ATOM   442 H  HA   . HIS B 1 4  ? -6.925  -8.571  0.505   1.00 43.02  ? 4   HIS B HA   1 
ATOM   443 H  HB2  . HIS B 1 4  ? -4.756  -9.341  2.100   1.00 71.34  ? 4   HIS B HB2  1 
ATOM   444 H  HB3  . HIS B 1 4  ? -5.796  -8.293  2.687   1.00 71.34  ? 4   HIS B HB3  1 
ATOM   445 H  HD2  . HIS B 1 4  ? -7.928  -9.461  3.862   1.00 81.46  ? 4   HIS B HD2  1 
ATOM   446 H  HE1  . HIS B 1 4  ? -7.445  -13.122 2.436   1.00 80.13  ? 4   HIS B HE1  1 
ATOM   447 H  HE2  . HIS B 1 4  ? -8.713  -11.756 3.893   1.00 90.88  ? 4   HIS B HE2  1 
ATOM   448 N  N    . CYS B 1 5  ? -6.466  -6.155  0.623   1.00 35.22  ? 5   CYS B N    1 
ATOM   449 C  CA   . CYS B 1 5  ? -6.196  -4.729  0.553   1.00 39.93  ? 5   CYS B CA   1 
ATOM   450 C  C    . CYS B 1 5  ? -6.840  -4.039  1.748   1.00 45.15  ? 5   CYS B C    1 
ATOM   451 O  O    . CYS B 1 5  ? -7.753  -4.575  2.380   1.00 45.52  ? 5   CYS B O    1 
ATOM   452 C  CB   . CYS B 1 5  ? -6.727  -4.119  -0.752  1.00 37.12  ? 5   CYS B CB   1 
ATOM   453 S  SG   . CYS B 1 5  ? -5.905  -4.679  -2.271  1.00 48.17  ? 5   CYS B SG   1 
ATOM   454 H  H    . CYS B 1 5  ? -7.298  -6.338  0.742   1.00 42.34  ? 5   CYS B H    1 
ATOM   455 H  HA   . CYS B 1 5  ? -5.238  -4.577  0.589   1.00 47.98  ? 5   CYS B HA   1 
ATOM   456 H  HB2  . CYS B 1 5  ? -7.667  -4.345  -0.833  1.00 44.61  ? 5   CYS B HB2  1 
ATOM   457 H  HB3  . CYS B 1 5  ? -6.621  -3.156  -0.704  1.00 44.61  ? 5   CYS B HB3  1 
ATOM   458 N  N    . LYS B 1 6  ? -6.355  -2.840  2.062   1.00 42.95  ? 6   LYS B N    1 
ATOM   459 C  CA   . LYS B 1 6  ? -6.977  -2.046  3.113   1.00 34.50  ? 6   LYS B CA   1 
ATOM   460 C  C    . LYS B 1 6  ? -6.565  -0.591  2.953   1.00 37.34  ? 6   LYS B C    1 
ATOM   461 O  O    . LYS B 1 6  ? -5.494  -0.285  2.421   1.00 34.46  ? 6   LYS B O    1 
ATOM   462 C  CB   . LYS B 1 6  ? -6.613  -2.571  4.510   1.00 41.61  ? 6   LYS B CB   1 
ATOM   463 C  CG   . LYS B 1 6  ? -5.416  -1.913  5.188   1.00 60.93  ? 6   LYS B CG   1 
ATOM   464 C  CD   . LYS B 1 6  ? -5.306  -2.366  6.643   1.00 66.24  ? 6   LYS B CD   1 
ATOM   465 C  CE   . LYS B 1 6  ? -3.861  -2.440  7.120   1.00 80.41  ? 6   LYS B CE   1 
ATOM   466 N  NZ   . LYS B 1 6  ? -3.639  -3.603  8.025   1.00 83.61  ? 6   LYS B NZ   1 
ATOM   467 H  H    . LYS B 1 6  ? -5.676  -2.470  1.686   1.00 51.61  ? 6   LYS B H    1 
ATOM   468 H  HA   . LYS B 1 6  ? -7.941  -2.090  3.019   1.00 41.47  ? 6   LYS B HA   1 
ATOM   469 H  HB2  . LYS B 1 6  ? -7.379  -2.438  5.092   1.00 49.99  ? 6   LYS B HB2  1 
ATOM   470 H  HB3  . LYS B 1 6  ? -6.415  -3.518  4.435   1.00 49.99  ? 6   LYS B HB3  1 
ATOM   471 H  HG2  . LYS B 1 6  ? -4.603  -2.165  4.724   1.00 73.18  ? 6   LYS B HG2  1 
ATOM   472 H  HG3  . LYS B 1 6  ? -5.523  -0.949  5.171   1.00 73.18  ? 6   LYS B HG3  1 
ATOM   473 H  HD2  . LYS B 1 6  ? -5.777  -1.733  7.208   1.00 79.56  ? 6   LYS B HD2  1 
ATOM   474 H  HD3  . LYS B 1 6  ? -5.699  -3.248  6.733   1.00 79.56  ? 6   LYS B HD3  1 
ATOM   475 H  HE2  . LYS B 1 6  ? -3.275  -2.536  6.353   1.00 96.56  ? 6   LYS B HE2  1 
ATOM   476 H  HE3  . LYS B 1 6  ? -3.641  -1.630  7.606   1.00 96.56  ? 6   LYS B HE3  1 
ATOM   477 H  HZ1  . LYS B 1 6  ? -2.791  -3.621  8.295   1.00 100.39 ? 6   LYS B HZ1  1 
ATOM   478 H  HZ2  . LYS B 1 6  ? -4.167  -3.539  8.739   1.00 100.39 ? 6   LYS B HZ2  1 
ATOM   479 H  HZ3  . LYS B 1 6  ? -3.821  -4.361  7.597   1.00 100.39 ? 6   LYS B HZ3  1 
ATOM   480 N  N    . LEU B 1 7  ? -7.441  0.297   3.411   1.00 32.95  ? 7   LEU B N    1 
ATOM   481 C  CA   . LEU B 1 7  ? -7.181  1.727   3.365   1.00 40.23  ? 7   LEU B CA   1 
ATOM   482 C  C    . LEU B 1 7  ? -6.325  2.136   4.556   1.00 34.58  ? 7   LEU B C    1 
ATOM   483 O  O    . LEU B 1 7  ? -6.601  1.744   5.694   1.00 40.09  ? 7   LEU B O    1 
ATOM   484 C  CB   . LEU B 1 7  ? -8.496  2.503   3.371   1.00 47.33  ? 7   LEU B CB   1 
ATOM   485 C  CG   . LEU B 1 7  ? -8.883  3.171   2.054   1.00 50.74  ? 7   LEU B CG   1 
ATOM   486 C  CD1  . LEU B 1 7  ? -8.981  2.139   0.944   1.00 53.55  ? 7   LEU B CD1  1 
ATOM   487 C  CD2  . LEU B 1 7  ? -10.201 3.916   2.215   1.00 46.19  ? 7   LEU B CD2  1 
ATOM   488 H  H    . LEU B 1 7  ? -8.201  0.094   3.758   1.00 39.61  ? 7   LEU B H    1 
ATOM   489 H  HA   . LEU B 1 7  ? -6.701  1.945   2.551   1.00 48.35  ? 7   LEU B HA   1 
ATOM   490 H  HB2  . LEU B 1 7  ? -9.209  1.887   3.602   1.00 56.86  ? 7   LEU B HB2  1 
ATOM   491 H  HB3  . LEU B 1 7  ? -8.432  3.202   4.040   1.00 56.86  ? 7   LEU B HB3  1 
ATOM   492 H  HG   . LEU B 1 7  ? -8.200  3.812   1.803   1.00 60.96  ? 7   LEU B HG   1 
ATOM   493 H  HD11 . LEU B 1 7  ? -9.294  2.574   0.135   1.00 64.32  ? 7   LEU B HD11 1 
ATOM   494 H  HD12 . LEU B 1 7  ? -8.104  1.754   0.794   1.00 64.32  ? 7   LEU B HD12 1 
ATOM   495 H  HD13 . LEU B 1 7  ? -9.606  1.446   1.210   1.00 64.32  ? 7   LEU B HD13 1 
ATOM   496 H  HD21 . LEU B 1 7  ? -10.436 4.328   1.369   1.00 55.49  ? 7   LEU B HD21 1 
ATOM   497 H  HD22 . LEU B 1 7  ? -10.890 3.287   2.480   1.00 55.49  ? 7   LEU B HD22 1 
ATOM   498 H  HD23 . LEU B 1 7  ? -10.096 4.599   2.896   1.00 55.49  ? 7   LEU B HD23 1 
ATOM   499 N  N    . VAL B 1 8  ? -5.281  2.913   4.294   1.00 36.51  ? 8   VAL B N    1 
ATOM   500 C  CA   . VAL B 1 8  ? -4.441  3.493   5.334   1.00 35.21  ? 8   VAL B CA   1 
ATOM   501 C  C    . VAL B 1 8  ? -4.359  4.988   5.079   1.00 41.08  ? 8   VAL B C    1 
ATOM   502 O  O    . VAL B 1 8  ? -4.245  5.425   3.927   1.00 44.21  ? 8   VAL B O    1 
ATOM   503 C  CB   . VAL B 1 8  ? -3.036  2.859   5.363   1.00 33.31  ? 8   VAL B CB   1 
ATOM   504 C  CG1  . VAL B 1 8  ? -2.189  3.489   6.461   1.00 51.62  ? 8   VAL B CG1  1 
ATOM   505 C  CG2  . VAL B 1 8  ? -3.140  1.358   5.576   1.00 38.13  ? 8   VAL B CG2  1 
ATOM   506 H  H    . VAL B 1 8  ? -5.033  3.124   3.497   1.00 43.88  ? 8   VAL B H    1 
ATOM   507 H  HA   . VAL B 1 8  ? -4.846  3.346   6.202   1.00 42.32  ? 8   VAL B HA   1 
ATOM   508 H  HB   . VAL B 1 8  ? -2.601  3.021   4.512   1.00 40.04  ? 8   VAL B HB   1 
ATOM   509 H  HG11 . VAL B 1 8  ? -1.328  3.044   6.490   1.00 62.01  ? 8   VAL B HG11 1 
ATOM   510 H  HG12 . VAL B 1 8  ? -2.068  4.432   6.265   1.00 62.01  ? 8   VAL B HG12 1 
ATOM   511 H  HG13 . VAL B 1 8  ? -2.645  3.384   7.311   1.00 62.01  ? 8   VAL B HG13 1 
ATOM   512 H  HG21 . VAL B 1 8  ? -2.247  0.981   5.615   1.00 45.82  ? 8   VAL B HG21 1 
ATOM   513 H  HG22 . VAL B 1 8  ? -3.607  1.187   6.408   1.00 45.82  ? 8   VAL B HG22 1 
ATOM   514 H  HG23 . VAL B 1 8  ? -3.629  0.967   4.835   1.00 45.82  ? 8   VAL B HG23 1 
ATOM   515 N  N    . PHE B 1 9  ? -4.421  5.776   6.148   1.00 37.33  ? 9   PHE B N    1 
ATOM   516 C  CA   . PHE B 1 9  ? -4.545  7.221   6.050   1.00 41.68  ? 9   PHE B CA   1 
ATOM   517 C  C    . PHE B 1 9  ? -3.305  7.906   6.604   1.00 42.69  ? 9   PHE B C    1 
ATOM   518 O  O    . PHE B 1 9  ? -2.785  7.519   7.655   1.00 44.68  ? 9   PHE B O    1 
ATOM   519 C  CB   . PHE B 1 9  ? -5.791  7.695   6.792   1.00 40.50  ? 9   PHE B CB   1 
ATOM   520 C  CG   . PHE B 1 9  ? -7.064  7.220   6.166   1.00 42.56  ? 9   PHE B CG   1 
ATOM   521 C  CD1  . PHE B 1 9  ? -7.622  7.910   5.107   1.00 44.65  ? 9   PHE B CD1  1 
ATOM   522 C  CD2  . PHE B 1 9  ? -7.685  6.068   6.613   1.00 43.50  ? 9   PHE B CD2  1 
ATOM   523 C  CE1  . PHE B 1 9  ? -8.786  7.470   4.514   1.00 56.59  ? 9   PHE B CE1  1 
ATOM   524 C  CE2  . PHE B 1 9  ? -8.852  5.623   6.025   1.00 51.31  ? 9   PHE B CE2  1 
ATOM   525 C  CZ   . PHE B 1 9  ? -9.403  6.324   4.975   1.00 47.28  ? 9   PHE B CZ   1 
ATOM   526 H  H    . PHE B 1 9  ? -4.392  5.487   6.957   1.00 44.86  ? 9   PHE B H    1 
ATOM   527 H  HA   . PHE B 1 9  ? -4.620  7.480   5.119   1.00 50.08  ? 9   PHE B HA   1 
ATOM   528 H  HB2  . PHE B 1 9  ? -5.762  7.359   7.701   1.00 48.66  ? 9   PHE B HB2  1 
ATOM   529 H  HB3  . PHE B 1 9  ? -5.805  8.665   6.797   1.00 48.66  ? 9   PHE B HB3  1 
ATOM   530 H  HD1  . PHE B 1 9  ? -7.208  8.680   4.790   1.00 53.65  ? 9   PHE B HD1  1 
ATOM   531 H  HD2  . PHE B 1 9  ? -7.313  5.589   7.317   1.00 52.27  ? 9   PHE B HD2  1 
ATOM   532 H  HE1  . PHE B 1 9  ? -9.157  7.945   3.805   1.00 67.97  ? 9   PHE B HE1  1 
ATOM   533 H  HE2  . PHE B 1 9  ? -9.265  4.851   6.336   1.00 61.64  ? 9   PHE B HE2  1 
ATOM   534 H  HZ   . PHE B 1 9  ? -10.189 6.026   4.576   1.00 56.80  ? 9   PHE B HZ   1 
ATOM   535 N  N    . PHE B 1 10 ? -2.841  8.930   5.887   1.00 40.99  ? 10  PHE B N    1 
ATOM   536 C  CA   . PHE B 1 10 ? -1.643  9.677   6.239   1.00 43.63  ? 10  PHE B CA   1 
ATOM   537 C  C    . PHE B 1 10 ? -1.966  11.162  6.299   1.00 41.94  ? 10  PHE B C    1 
ATOM   538 O  O    . PHE B 1 10 ? -2.700  11.681  5.454   1.00 40.11  ? 10  PHE B O    1 
ATOM   539 C  CB   . PHE B 1 10 ? -0.522  9.420   5.225   1.00 35.60  ? 10  PHE B CB   1 
ATOM   540 C  CG   . PHE B 1 10 ? 0.093   8.055   5.341   1.00 46.82  ? 10  PHE B CG   1 
ATOM   541 C  CD1  . PHE B 1 10 ? -0.549  6.945   4.822   1.00 50.75  ? 10  PHE B CD1  1 
ATOM   542 C  CD2  . PHE B 1 10 ? 1.309   7.882   5.977   1.00 54.22  ? 10  PHE B CD2  1 
ATOM   543 C  CE1  . PHE B 1 10 ? 0.014   5.687   4.933   1.00 57.83  ? 10  PHE B CE1  1 
ATOM   544 C  CE2  . PHE B 1 10 ? 1.877   6.627   6.093   1.00 59.89  ? 10  PHE B CE2  1 
ATOM   545 C  CZ   . PHE B 1 10 ? 1.230   5.529   5.571   1.00 49.79  ? 10  PHE B CZ   1 
ATOM   546 H  H    . PHE B 1 10 ? -3.219  9.217   5.169   1.00 49.25  ? 10  PHE B H    1 
ATOM   547 H  HA   . PHE B 1 10 ? -1.331  9.404   7.116   1.00 52.42  ? 10  PHE B HA   1 
ATOM   548 H  HB2  . PHE B 1 10 ? -0.886  9.507   4.330   1.00 42.79  ? 10  PHE B HB2  1 
ATOM   549 H  HB3  . PHE B 1 10 ? 0.180   10.075  5.363   1.00 42.79  ? 10  PHE B HB3  1 
ATOM   550 H  HD1  . PHE B 1 10 ? -1.368  7.046   4.394   1.00 60.96  ? 10  PHE B HD1  1 
ATOM   551 H  HD2  . PHE B 1 10 ? 1.751   8.620   6.331   1.00 65.13  ? 10  PHE B HD2  1 
ATOM   552 H  HE1  . PHE B 1 10 ? -0.424  4.948   4.577   1.00 69.46  ? 10  PHE B HE1  1 
ATOM   553 H  HE2  . PHE B 1 10 ? 2.695   6.524   6.524   1.00 71.94  ? 10  PHE B HE2  1 
ATOM   554 H  HZ   . PHE B 1 10 ? 1.609   4.684   5.647   1.00 59.81  ? 10  PHE B HZ   1 
ATOM   555 N  N    . ALA B 1 11 ? -1.415  11.841  7.302   1.00 37.33  ? 11  ALA B N    1 
ATOM   556 C  CA   . ALA B 1 11 ? -1.632  13.271  7.488   1.00 49.20  ? 11  ALA B CA   1 
ATOM   557 C  C    . ALA B 1 11 ? -0.492  14.043  6.834   1.00 68.50  ? 11  ALA B C    1 
ATOM   558 O  O    . ALA B 1 11 ? 0.672   13.881  7.221   1.00 67.26  ? 11  ALA B O    1 
ATOM   559 C  CB   . ALA B 1 11 ? -1.732  13.605  8.975   1.00 54.90  ? 11  ALA B CB   1 
ATOM   560 H  H    . ALA B 1 11 ? -0.903  11.489  7.896   1.00 44.87  ? 11  ALA B H    1 
ATOM   561 H  HA   . ALA B 1 11 ? -2.463  13.533  7.060   1.00 59.10  ? 11  ALA B HA   1 
ATOM   562 H  HB1  . ALA B 1 11 ? -1.899  14.555  9.074   1.00 65.95  ? 11  ALA B HB1  1 
ATOM   563 H  HB2  . ALA B 1 11 ? -2.462  13.098  9.364   1.00 65.95  ? 11  ALA B HB2  1 
ATOM   564 H  HB3  . ALA B 1 11 ? -0.898  13.369  9.408   1.00 65.95  ? 11  ALA B HB3  1 
ATOM   565 N  N    . GLU B 1 12 ? -0.823  14.883  5.854   1.00 70.81  ? 12  GLU B N    1 
ATOM   566 C  CA   . GLU B 1 12 ? 0.195   15.587  5.075   1.00 74.66  ? 12  GLU B CA   1 
ATOM   567 C  C    . GLU B 1 12 ? -0.076  17.086  4.913   1.00 80.21  ? 12  GLU B C    1 
ATOM   568 O  O    . GLU B 1 12 ? -0.750  17.498  3.969   1.00 73.84  ? 12  GLU B O    1 
ATOM   569 C  CB   . GLU B 1 12 ? 0.315   14.937  3.687   1.00 78.86  ? 12  GLU B CB   1 
ATOM   570 C  CG   . GLU B 1 12 ? 1.228   15.671  2.689   1.00 97.85  ? 12  GLU B CG   1 
ATOM   571 C  CD   . GLU B 1 12 ? 2.586   15.007  2.518   1.00 102.24 ? 12  GLU B CD   1 
ATOM   572 O  OE1  . GLU B 1 12 ? 2.904   14.067  3.278   1.00 94.80  ? 12  GLU B OE1  1 
ATOM   573 O  OE2  . GLU B 1 12 ? 3.342   15.434  1.620   1.00 104.41 ? 12  GLU B OE2  1 
ATOM   574 H  H    . GLU B 1 12 ? -1.631  15.064  5.622   1.00 85.04  ? 12  GLU B H    1 
ATOM   575 H  HA   . GLU B 1 12 ? 1.034   15.514  5.555   1.00 89.66  ? 12  GLU B HA   1 
ATOM   576 H  HB2  . GLU B 1 12 ? 0.670   14.042  3.799   1.00 94.69  ? 12  GLU B HB2  1 
ATOM   577 H  HB3  . GLU B 1 12 ? -0.570  14.896  3.292   1.00 94.69  ? 12  GLU B HB3  1 
ATOM   578 H  HG2  . GLU B 1 12 ? 0.795   15.688  1.821   1.00 117.49 ? 12  GLU B HG2  1 
ATOM   579 H  HG3  . GLU B 1 12 ? 1.376   16.576  3.004   1.00 117.49 ? 12  GLU B HG3  1 
HETATM 580 N  N    . ORN B 1 13 ? -3.104  20.916  5.275   1.00 70.11  ? 13  ORN B N    1 
HETATM 581 C  CA   . ORN B 1 13 ? -2.710  19.501  5.566   1.00 69.63  ? 13  ORN B CA   1 
HETATM 582 C  CB   . ORN B 1 13 ? -1.959  19.398  6.902   1.00 64.68  ? 13  ORN B CB   1 
HETATM 583 C  CG   . ORN B 1 13 ? -0.529  19.951  6.893   1.00 76.24  ? 13  ORN B CG   1 
HETATM 584 C  CD   . ORN B 1 13 ? 0.360   19.379  5.764   1.00 89.42  ? 13  ORN B CD   1 
HETATM 585 N  NE   . ORN B 1 13 ? 0.510   17.924  5.839   1.00 88.59  ? 13  ORN B NE   1 
HETATM 586 C  C    . ORN B 1 13 ? -3.927  18.570  5.630   1.00 64.78  ? 13  ORN B C    1 
HETATM 587 O  O    . ORN B 1 13 ? -4.572  18.418  6.669   1.00 68.31  ? 13  ORN B O    1 
HETATM 588 H  H2   . ORN B 1 13 ? -3.611  21.034  4.395   1.00 84.20  ? 13  ORN B H2   1 
HETATM 589 H  H    . ORN B 1 13 ? -2.314  21.563  5.208   1.00 84.20  ? 13  ORN B H    1 
HETATM 590 H  HA   . ORN B 1 13 ? -2.097  19.215  4.706   1.00 83.63  ? 13  ORN B HA   1 
HETATM 591 H  HB2  . ORN B 1 13 ? -1.897  18.338  7.183   1.00 77.68  ? 13  ORN B HB2  1 
HETATM 592 H  HB3  . ORN B 1 13 ? -2.522  19.963  7.659   1.00 77.68  ? 13  ORN B HB3  1 
HETATM 593 H  HG2  . ORN B 1 13 ? -0.059  19.725  7.857   1.00 91.55  ? 13  ORN B HG2  1 
HETATM 594 H  HG3  . ORN B 1 13 ? -0.575  21.041  6.785   1.00 91.55  ? 13  ORN B HG3  1 
HETATM 595 H  HD2  . ORN B 1 13 ? 1.352   19.835  5.838   1.00 107.37 ? 13  ORN B HD2  1 
HETATM 596 H  HD3  . ORN B 1 13 ? -0.095  19.632  4.801   1.00 107.37 ? 13  ORN B HD3  1 
HETATM 597 H  HE1  . ORN B 1 13 ? 1.085   17.578  6.606   1.00 106.37 ? 13  ORN B HE1  1 
ATOM   598 N  N    . ALA B 1 14 ? -4.231  17.908  4.470   1.00 68.21  ? 14  ALA B N    1 
ATOM   599 C  CA   . ALA B 1 14 ? -5.346  16.981  4.412   1.00 53.28  ? 14  ALA B CA   1 
ATOM   600 C  C    . ALA B 1 14 ? -4.896  15.627  4.941   1.00 47.00  ? 14  ALA B C    1 
ATOM   601 O  O    . ALA B 1 14 ? -3.752  15.464  5.367   1.00 50.46  ? 14  ALA B O    1 
ATOM   602 C  CB   . ALA B 1 14 ? -5.866  16.856  2.994   1.00 69.20  ? 14  ALA B CB   1 
ATOM   603 H  H    . ALA B 1 14 ? -3.800  17.994  3.731   1.00 81.92  ? 14  ALA B H    1 
ATOM   604 H  HA   . ALA B 1 14 ? -6.080  17.309  4.954   1.00 64.00  ? 14  ALA B HA   1 
ATOM   605 H  HB1  . ALA B 1 14 ? -6.666  16.307  2.999   1.00 83.11  ? 14  ALA B HB1  1 
ATOM   606 H  HB2  . ALA B 1 14 ? -6.075  17.742  2.655   1.00 83.11  ? 14  ALA B HB2  1 
ATOM   607 H  HB3  . ALA B 1 14 ? -5.184  16.443  2.443   1.00 83.11  ? 14  ALA B HB3  1 
ATOM   608 N  N    . ILE B 1 15 ? -5.809  14.663  4.918   1.00 42.92  ? 15  ILE B N    1 
ATOM   609 C  CA   . ILE B 1 15 ? -5.516  13.276  5.246   1.00 35.19  ? 15  ILE B CA   1 
ATOM   610 C  C    . ILE B 1 15 ? -5.616  12.477  3.953   1.00 48.30  ? 15  ILE B C    1 
ATOM   611 O  O    . ILE B 1 15 ? -6.639  12.533  3.259   1.00 37.32  ? 15  ILE B O    1 
ATOM   612 C  CB   . ILE B 1 15 ? -6.475  12.743  6.325   1.00 34.22  ? 15  ILE B CB   1 
ATOM   613 C  CG1  . ILE B 1 15 ? -6.242  13.493  7.640   1.00 46.27  ? 15  ILE B CG1  1 
ATOM   614 C  CG2  . ILE B 1 15 ? -6.301  11.241  6.524   1.00 42.76  ? 15  ILE B CG2  1 
ATOM   615 C  CD1  . ILE B 1 15 ? -7.119  13.028  8.785   1.00 39.03  ? 15  ILE B CD1  1 
ATOM   616 H  H    . ILE B 1 15 ? -6.632  14.795  4.708   1.00 51.57  ? 15  ILE B H    1 
ATOM   617 H  HA   . ILE B 1 15 ? -4.613  13.190  5.590   1.00 42.29  ? 15  ILE B HA   1 
ATOM   618 H  HB   . ILE B 1 15 ? -7.385  12.899  6.029   1.00 41.13  ? 15  ILE B HB   1 
ATOM   619 H  HG12 . ILE B 1 15 ? -5.318  13.368  7.910   1.00 55.59  ? 15  ILE B HG12 1 
ATOM   620 H  HG13 . ILE B 1 15 ? -6.421  14.435  7.497   1.00 55.59  ? 15  ILE B HG13 1 
ATOM   621 H  HG21 . ILE B 1 15 ? -6.962  10.928  7.162   1.00 51.37  ? 15  ILE B HG21 1 
ATOM   622 H  HG22 . ILE B 1 15 ? -6.425  10.793  5.673   1.00 51.37  ? 15  ILE B HG22 1 
ATOM   623 H  HG23 . ILE B 1 15 ? -5.409  11.068  6.862   1.00 51.37  ? 15  ILE B HG23 1 
ATOM   624 H  HD11 . ILE B 1 15 ? -7.000  13.627  9.538   1.00 46.90  ? 15  ILE B HD11 1 
ATOM   625 H  HD12 . ILE B 1 15 ? -8.045  13.039  8.497   1.00 46.90  ? 15  ILE B HD12 1 
ATOM   626 H  HD13 . ILE B 1 15 ? -6.863  12.126  9.034   1.00 46.90  ? 15  ILE B HD13 1 
ATOM   627 N  N    . ILE B 1 16 ? -4.555  11.747  3.627   1.00 47.23  ? 16  ILE B N    1 
ATOM   628 C  CA   . ILE B 1 16 ? -4.444  11.098  2.327   1.00 33.33  ? 16  ILE B CA   1 
ATOM   629 C  C    . ILE B 1 16 ? -4.768  9.612   2.449   1.00 44.85  ? 16  ILE B C    1 
ATOM   630 O  O    . ILE B 1 16 ? -4.151  8.922   3.258   1.00 44.51  ? 16  ILE B O    1 
ATOM   631 C  CB   . ILE B 1 16 ? -3.041  11.276  1.725   1.00 39.52  ? 16  ILE B CB   1 
ATOM   632 C  CG1  . ILE B 1 16 ? -2.631  12.756  1.713   1.00 59.58  ? 16  ILE B CG1  1 
ATOM   633 C  CG2  . ILE B 1 16 ? -2.984  10.663  0.332   1.00 51.26  ? 16  ILE B CG2  1 
ATOM   634 C  CD1  . ILE B 1 16 ? -3.003  13.497  0.450   1.00 65.70  ? 16  ILE B CD1  1 
ATOM   635 H  H    . ILE B 1 16 ? -3.883  11.612  4.145   1.00 56.75  ? 16  ILE B H    1 
ATOM   636 H  HA   . ILE B 1 16 ? -5.086  11.514  1.729   1.00 40.06  ? 16  ILE B HA   1 
ATOM   637 H  HB   . ILE B 1 16 ? -2.403  10.807  2.286   1.00 47.49  ? 16  ILE B HB   1 
ATOM   638 H  HG12 . ILE B 1 16 ? -3.066  13.205  2.456   1.00 71.56  ? 16  ILE B HG12 1 
ATOM   639 H  HG13 . ILE B 1 16 ? -1.667  12.812  1.813   1.00 71.56  ? 16  ILE B HG13 1 
ATOM   640 H  HG21 . ILE B 1 16 ? -2.137  10.894  -0.080  1.00 61.58  ? 16  ILE B HG21 1 
ATOM   641 H  HG22 . ILE B 1 16 ? -3.064  9.699   0.407   1.00 61.58  ? 16  ILE B HG22 1 
ATOM   642 H  HG23 . ILE B 1 16 ? -3.717  11.016  -0.197  1.00 61.58  ? 16  ILE B HG23 1 
ATOM   643 H  HD11 . ILE B 1 16 ? -2.805  14.439  0.566   1.00 78.91  ? 16  ILE B HD11 1 
ATOM   644 H  HD12 . ILE B 1 16 ? -2.488  13.138  -0.290  1.00 78.91  ? 16  ILE B HD12 1 
ATOM   645 H  HD13 . ILE B 1 16 ? -3.951  13.376  0.282   1.00 78.91  ? 16  ILE B HD13 1 
HETATM 646 N  N    . SAR B 1 17 ? -5.723  9.119   1.657   1.00 45.18  ? 17  SAR B N    1 
HETATM 647 C  CA   . SAR B 1 17 ? -6.008  7.697   1.598   1.00 36.64  ? 17  SAR B CA   1 
HETATM 648 C  C    . SAR B 1 17 ? -5.141  7.025   0.800   1.00 41.91  ? 17  SAR B C    1 
HETATM 649 O  O    . SAR B 1 17 ? -4.866  7.449   -0.289  1.00 45.10  ? 17  SAR B O    1 
HETATM 650 C  CN   . SAR B 1 17 ? -6.702  9.902   0.921   1.00 57.07  ? 17  SAR B CN   1 
HETATM 651 H  HA2  . SAR B 1 17 ? -6.895  7.542   1.243   1.00 44.03  ? 17  SAR B HA2  1 
HETATM 652 H  HA3  . SAR B 1 17 ? -5.948  7.300   2.478   1.00 44.03  ? 17  SAR B HA3  1 
HETATM 653 H  HN1  . SAR B 1 17 ? -7.206  10.468  1.548   1.00 68.55  ? 17  SAR B HN1  1 
HETATM 654 H  HN2  . SAR B 1 17 ? -6.240  10.471  0.264   1.00 68.55  ? 17  SAR B HN2  1 
HETATM 655 H  HN3  . SAR B 1 17 ? -7.321  9.297   0.454   1.00 68.55  ? 17  SAR B HN3  1 
ATOM   656 N  N    . LEU B 1 18 ? -4.623  5.902   1.296   1.00 36.25  ? 18  LEU B N    1 
ATOM   657 C  CA   . LEU B 1 18 ? -3.735  5.039   0.520   1.00 33.83  ? 18  LEU B CA   1 
ATOM   658 C  C    . LEU B 1 18 ? -4.195  3.588   0.582   1.00 37.47  ? 18  LEU B C    1 
ATOM   659 O  O    . LEU B 1 18 ? -4.624  3.119   1.632   1.00 37.70  ? 18  LEU B O    1 
ATOM   660 C  CB   . LEU B 1 18 ? -2.304  5.132   1.040   1.00 48.10  ? 18  LEU B CB   1 
ATOM   661 C  CG   . LEU B 1 18 ? -1.310  5.877   0.156   1.00 51.13  ? 18  LEU B CG   1 
ATOM   662 C  CD1  . LEU B 1 18 ? -1.797  7.283   -0.121  1.00 48.75  ? 18  LEU B CD1  1 
ATOM   663 C  CD2  . LEU B 1 18 ? 0.053   5.893   0.812   1.00 47.61  ? 18  LEU B CD2  1 
ATOM   664 H  H    . LEU B 1 18 ? -4.775  5.614   2.092   1.00 43.57  ? 18  LEU B H    1 
ATOM   665 H  HA   . LEU B 1 18 ? -3.747  5.333   -0.405  1.00 40.66  ? 18  LEU B HA   1 
ATOM   666 H  HB2  . LEU B 1 18 ? -2.322  5.588   1.895   1.00 57.79  ? 18  LEU B HB2  1 
ATOM   667 H  HB3  . LEU B 1 18 ? -1.965  4.229   1.152   1.00 57.79  ? 18  LEU B HB3  1 
ATOM   668 H  HG   . LEU B 1 18 ? -1.229  5.423   -0.698  1.00 61.42  ? 18  LEU B HG   1 
ATOM   669 H  HD11 . LEU B 1 18 ? -1.066  7.804   -0.488  1.00 58.57  ? 18  LEU B HD11 1 
ATOM   670 H  HD12 . LEU B 1 18 ? -2.528  7.244   -0.758  1.00 58.57  ? 18  LEU B HD12 1 
ATOM   671 H  HD13 . LEU B 1 18 ? -2.102  7.680   0.709   1.00 58.57  ? 18  LEU B HD13 1 
ATOM   672 H  HD21 . LEU B 1 18 ? 0.709   6.208   0.172   1.00 57.20  ? 18  LEU B HD21 1 
ATOM   673 H  HD22 . LEU B 1 18 ? 0.027   6.487   1.579   1.00 57.20  ? 18  LEU B HD22 1 
ATOM   674 H  HD23 . LEU B 1 18 ? 0.276   4.993   1.099   1.00 57.20  ? 18  LEU B HD23 1 
ATOM   675 N  N    . MET B 1 19 ? -4.080  2.871   -0.534  1.00 29.40  ? 19  MET B N    1 
ATOM   676 C  CA   . MET B 1 19 ? -4.470  1.470   -0.604  1.00 35.84  ? 19  MET B CA   1 
ATOM   677 C  C    . MET B 1 19 ? -3.225  0.619   -0.406  1.00 30.67  ? 19  MET B C    1 
ATOM   678 O  O    . MET B 1 19 ? -2.239  0.781   -1.131  1.00 33.35  ? 19  MET B O    1 
ATOM   679 C  CB   . MET B 1 19 ? -5.142  1.152   -1.943  1.00 29.25  ? 19  MET B CB   1 
ATOM   680 C  CG   . MET B 1 19 ? -6.124  -0.017  -1.890  1.00 54.22  ? 19  MET B CG   1 
ATOM   681 S  SD   . MET B 1 19 ? -6.872  -0.407  -3.492  1.00 71.86  ? 19  MET B SD   1 
ATOM   682 C  CE   . MET B 1 19 ? -5.454  -0.904  -4.472  1.00 55.29  ? 19  MET B CE   1 
ATOM   683 H  H    . MET B 1 19 ? -3.773  3.182   -1.275  1.00 35.35  ? 19  MET B H    1 
ATOM   684 H  HA   . MET B 1 19 ? -5.113  1.273   0.096   1.00 43.08  ? 19  MET B HA   1 
ATOM   685 H  HB2  . MET B 1 19 ? -5.632  1.934   -2.237  1.00 35.17  ? 19  MET B HB2  1 
ATOM   686 H  HB3  . MET B 1 19 ? -4.455  0.929   -2.590  1.00 35.17  ? 19  MET B HB3  1 
ATOM   687 H  HG2  . MET B 1 19 ? -5.653  -0.807  -1.583  1.00 65.13  ? 19  MET B HG2  1 
ATOM   688 H  HG3  . MET B 1 19 ? -6.839  0.204   -1.274  1.00 65.13  ? 19  MET B HG3  1 
ATOM   689 H  HE1  . MET B 1 19 ? -5.755  -1.154  -5.359  1.00 66.42  ? 19  MET B HE1  1 
ATOM   690 H  HE2  . MET B 1 19 ? -4.834  -0.160  -4.531  1.00 66.42  ? 19  MET B HE2  1 
ATOM   691 H  HE3  . MET B 1 19 ? -5.023  -1.660  -4.044  1.00 66.42  ? 19  MET B HE3  1 
ATOM   692 N  N    . VAL B 1 20 ? -3.267  -0.276  0.577   1.00 28.86  ? 20  VAL B N    1 
ATOM   693 C  CA   . VAL B 1 20 ? -2.163  -1.181  0.872   1.00 41.60  ? 20  VAL B CA   1 
ATOM   694 C  C    . VAL B 1 20 ? -2.648  -2.603  0.652   1.00 34.43  ? 20  VAL B C    1 
ATOM   695 O  O    . VAL B 1 20 ? -3.612  -3.039  1.294   1.00 31.67  ? 20  VAL B O    1 
ATOM   696 C  CB   . VAL B 1 20 ? -1.645  -1.001  2.307   1.00 36.88  ? 20  VAL B CB   1 
ATOM   697 C  CG1  . VAL B 1 20 ? -0.601  -2.060  2.622   1.00 37.93  ? 20  VAL B CG1  1 
ATOM   698 C  CG2  . VAL B 1 20 ? -1.084  0.397   2.485   1.00 45.51  ? 20  VAL B CG2  1 
ATOM   699 H  H    . VAL B 1 20 ? -3.944  -0.381  1.098   1.00 34.70  ? 20  VAL B H    1 
ATOM   700 H  HA   . VAL B 1 20 ? -1.433  -1.007  0.258   1.00 49.99  ? 20  VAL B HA   1 
ATOM   701 H  HB   . VAL B 1 20 ? -2.379  -1.109  2.933   1.00 44.32  ? 20  VAL B HB   1 
ATOM   702 H  HG11 . VAL B 1 20 ? -0.108  -1.791  3.413   1.00 45.59  ? 20  VAL B HG11 1 
ATOM   703 H  HG12 . VAL B 1 20 ? -1.047  -2.906  2.781   1.00 45.59  ? 20  VAL B HG12 1 
ATOM   704 H  HG13 . VAL B 1 20 ? 0.004   -2.141  1.867   1.00 45.59  ? 20  VAL B HG13 1 
ATOM   705 H  HG21 . VAL B 1 20 ? -0.779  0.500   3.401   1.00 54.68  ? 20  VAL B HG21 1 
ATOM   706 H  HG22 . VAL B 1 20 ? -0.340  0.519   1.874   1.00 54.68  ? 20  VAL B HG22 1 
ATOM   707 H  HG23 . VAL B 1 20 ? -1.779  1.044   2.293   1.00 54.68  ? 20  VAL B HG23 1 
ATOM   708 N  N    . CYS B 1 21 ? -1.973  -3.329  -0.235  1.00 29.25  ? 21  CYS B N    1 
ATOM   709 C  CA   . CYS B 1 21 ? -2.379  -4.675  -0.607  1.00 34.44  ? 21  CYS B CA   1 
ATOM   710 C  C    . CYS B 1 21 ? -1.221  -5.643  -0.456  1.00 36.25  ? 21  CYS B C    1 
ATOM   711 O  O    . CYS B 1 21 ? -0.074  -5.320  -0.786  1.00 36.32  ? 21  CYS B O    1 
ATOM   712 C  CB   . CYS B 1 21 ? -2.892  -4.727  -2.044  1.00 37.82  ? 21  CYS B CB   1 
ATOM   713 S  SG   . CYS B 1 21 ? -4.207  -3.564  -2.385  1.00 50.04  ? 21  CYS B SG   1 
ATOM   714 H  H    . CYS B 1 21 ? -1.266  -3.057  -0.642  1.00 35.16  ? 21  CYS B H    1 
ATOM   715 H  HA   . CYS B 1 21 ? -3.088  -4.958  -0.008  1.00 41.39  ? 21  CYS B HA   1 
ATOM   716 H  HB2  . CYS B 1 21 ? -2.156  -4.527  -2.644  1.00 45.45  ? 21  CYS B HB2  1 
ATOM   717 H  HB3  . CYS B 1 21 ? -3.232  -5.618  -2.221  1.00 45.45  ? 21  CYS B HB3  1 
ATOM   718 N  N    . GLY B 1 22 ? -1.535  -6.840  0.028   1.00 37.74  ? 22  GLY B N    1 
ATOM   719 C  CA   . GLY B 1 22 ? -0.563  -7.905  0.103   1.00 43.38  ? 22  GLY B CA   1 
ATOM   720 C  C    . GLY B 1 22 ? -1.219  -9.227  -0.235  1.00 52.31  ? 22  GLY B C    1 
ATOM   721 O  O    . GLY B 1 22 ? -2.443  -9.376  -0.173  1.00 57.44  ? 22  GLY B O    1 
ATOM   722 H  H    . GLY B 1 22 ? -2.313  -7.057  0.322   1.00 45.35  ? 22  GLY B H    1 
ATOM   723 H  HA2  . GLY B 1 22 ? 0.158   -7.740  -0.525  1.00 52.13  ? 22  GLY B HA2  1 
ATOM   724 H  HA3  . GLY B 1 22 ? -0.196  -7.955  0.999   1.00 52.13  ? 22  GLY B HA3  1 
ATOM   725 N  N    . VAL B 1 23 ? -0.383  -10.187 -0.605  1.00 59.79  ? 23  VAL B N    1 
ATOM   726 C  CA   . VAL B 1 23 ? -0.870  -11.507 -0.961  1.00 59.30  ? 23  VAL B CA   1 
ATOM   727 C  C    . VAL B 1 23 ? -0.853  -12.439 0.247   1.00 69.03  ? 23  VAL B C    1 
ATOM   728 O  O    . VAL B 1 23 ? 0.202   -12.940 0.624   1.00 70.23  ? 23  VAL B O    1 
ATOM   729 C  CB   . VAL B 1 23 ? -0.044  -12.113 -2.112  1.00 61.66  ? 23  VAL B CB   1 
ATOM   730 C  CG1  . VAL B 1 23 ? -0.548  -13.490 -2.448  1.00 72.05  ? 23  VAL B CG1  1 
ATOM   731 C  CG2  . VAL B 1 23 ? -0.096  -11.230 -3.342  1.00 60.82  ? 23  VAL B CG2  1 
ATOM   732 H  H    . VAL B 1 23 ? 0.472   -10.097 -0.655  1.00 71.82  ? 23  VAL B H    1 
ATOM   733 H  HA   . VAL B 1 23 ? -1.788  -11.417 -1.261  1.00 71.23  ? 23  VAL B HA   1 
ATOM   734 H  HB   . VAL B 1 23 ? 0.880   -12.178 -1.823  1.00 74.06  ? 23  VAL B HB   1 
ATOM   735 H  HG11 . VAL B 1 23 ? -0.068  -13.822 -3.223  1.00 86.53  ? 23  VAL B HG11 1 
ATOM   736 H  HG12 . VAL B 1 23 ? -0.397  -14.077 -1.690  1.00 86.53  ? 23  VAL B HG12 1 
ATOM   737 H  HG13 . VAL B 1 23 ? -1.497  -13.441 -2.644  1.00 86.53  ? 23  VAL B HG13 1 
ATOM   738 H  HG21 . VAL B 1 23 ? 0.411   -11.650 -4.054  1.00 73.05  ? 23  VAL B HG21 1 
ATOM   739 H  HG22 . VAL B 1 23 ? -1.022  -11.121 -3.613  1.00 73.05  ? 23  VAL B HG22 1 
ATOM   740 H  HG23 . VAL B 1 23 ? 0.289   -10.366 -3.127  1.00 73.05  ? 23  VAL B HG23 1 
ATOM   741 N  N    . VAL B 1 24 ? -2.011  -12.678 0.848   1.00 65.44  ? 24  VAL B N    1 
ATOM   742 C  CA   . VAL B 1 24 ? -2.226  -13.576 1.978   1.00 78.18  ? 24  VAL B CA   1 
ATOM   743 C  C    . VAL B 1 24 ? -2.630  -14.866 1.277   1.00 88.06  ? 24  VAL B C    1 
ATOM   744 O  O    . VAL B 1 24 ? -3.794  -15.251 1.260   1.00 92.38  ? 24  VAL B O    1 
ATOM   745 C  CB   . VAL B 1 24 ? -3.285  -13.054 2.971   1.00 82.46  ? 24  VAL B CB   1 
ATOM   746 C  CG1  . VAL B 1 24 ? -3.748  -14.165 3.911   1.00 88.99  ? 24  VAL B CG1  1 
ATOM   747 C  CG2  . VAL B 1 24 ? -2.725  -11.889 3.770   1.00 73.96  ? 24  VAL B CG2  1 
ATOM   748 H  H    . VAL B 1 24 ? -2.735  -12.324 0.536   1.00 78.60  ? 24  VAL B H    1 
ATOM   749 H  HA   . VAL B 1 24 ? -1.451  -13.687 2.549   1.00 93.88  ? 24  VAL B HA   1 
ATOM   750 H  HB   . VAL B 1 24 ? -4.055  -12.747 2.468   1.00 99.02  ? 24  VAL B HB   1 
ATOM   751 H  HG11 . VAL B 1 24 ? -4.200  -13.767 4.671   1.00 106.86 ? 24  VAL B HG11 1 
ATOM   752 H  HG12 . VAL B 1 24 ? -4.356  -14.748 3.433   1.00 106.86 ? 24  VAL B HG12 1 
ATOM   753 H  HG13 . VAL B 1 24 ? -2.974  -14.666 4.212   1.00 106.86 ? 24  VAL B HG13 1 
ATOM   754 H  HG21 . VAL B 1 24 ? -3.416  -11.550 4.361   1.00 88.82  ? 24  VAL B HG21 1 
ATOM   755 H  HG22 . VAL B 1 24 ? -1.968  -12.198 4.290   1.00 88.82  ? 24  VAL B HG22 1 
ATOM   756 H  HG23 . VAL B 1 24 ? -2.443  -11.192 3.157   1.00 88.82  ? 24  VAL B HG23 1 
HETATM 757 CL CL   . CL  C 2 .  ? 2.792   7.170   -3.780  1.00 80.92  ? 101 CL  A CL   1 
HETATM 758 O  O    . HOH D 3 .  ? -8.883  5.353   -12.358 1.00 47.36  ? 201 HOH A O    1 
HETATM 759 O  O    . HOH D 3 .  ? 0.737   8.488   -5.008  1.00 60.15  ? 202 HOH A O    1 
HETATM 760 O  O    . HOH D 3 .  ? 2.618   -2.933  -7.112  1.00 59.58  ? 203 HOH A O    1 
HETATM 761 O  O    . HOH D 3 .  ? -7.990  5.182   -3.187  1.00 64.05  ? 204 HOH A O    1 
HETATM 762 O  O    . HOH D 3 .  ? 2.048   9.714   -3.711  1.00 61.84  ? 205 HOH A O    1 
HETATM 763 O  O    . HOH E 3 .  ? -4.810  8.429   -2.703  1.00 40.78  ? 101 HOH B O    1 
HETATM 764 O  O    . HOH E 3 .  ? -8.044  -6.942  4.312   1.00 55.96  ? 102 HOH B O    1 
HETATM 765 O  O    . HOH E 3 .  ? -2.454  -5.501  3.379   1.00 56.13  ? 103 HOH B O    1 
HETATM 766 O  O    . HOH E 3 .  ? -3.424  -5.952  5.165   1.00 61.44  ? 104 HOH B O    1 
HETATM 767 O  O    . HOH E 3 .  ? -5.805  21.302  9.087   1.00 57.46  ? 105 HOH B O    1 
HETATM 768 O  O    . HOH E 3 .  ? -2.857  -7.638  4.173   1.00 51.07  ? 106 HOH B O    1 
# 
loop_
_pdbx_poly_seq_scheme.asym_id 
_pdbx_poly_seq_scheme.entity_id 
_pdbx_poly_seq_scheme.seq_id 
_pdbx_poly_seq_scheme.mon_id 
_pdbx_poly_seq_scheme.ndb_seq_num 
_pdbx_poly_seq_scheme.pdb_seq_num 
_pdbx_poly_seq_scheme.auth_seq_num 
_pdbx_poly_seq_scheme.pdb_mon_id 
_pdbx_poly_seq_scheme.auth_mon_id 
_pdbx_poly_seq_scheme.pdb_strand_id 
_pdbx_poly_seq_scheme.pdb_ins_code 
_pdbx_poly_seq_scheme.hetero 
A 1 1  ORN 1  1  1  ORN ORN A . n 
A 1 2  VAL 2  2  2  VAL VAL A . n 
A 1 3  HIS 3  3  3  HIS HIS A . n 
A 1 4  HIS 4  4  4  HIS HIS A . n 
A 1 5  CYS 5  5  5  CYS CYS A . n 
A 1 6  LYS 6  6  6  LYS LYS A . n 
A 1 7  LEU 7  7  7  LEU LEU A . n 
A 1 8  VAL 8  8  8  VAL VAL A . n 
A 1 9  PHE 9  9  9  PHE PHE A . n 
A 1 10 PHE 10 10 10 PHE PHE A . n 
A 1 11 ALA 11 11 11 ALA ALA A . n 
A 1 12 GLU 12 12 12 GLU GLU A . n 
A 1 13 ORN 13 13 13 ORN ORN A . n 
A 1 14 ALA 14 14 14 ALA ALA A . n 
A 1 15 ILE 15 15 15 ILE ILE A . n 
A 1 16 ILE 16 16 16 ILE ILE A . n 
A 1 17 SAR 17 17 17 SAR SAR A . n 
A 1 18 LEU 18 18 18 LEU LEU A . n 
A 1 19 MET 19 19 19 MET MET A . n 
A 1 20 VAL 20 20 20 VAL VAL A . n 
A 1 21 CYS 21 21 21 CYS CYS A . n 
A 1 22 GLY 22 22 22 GLY GLY A . n 
A 1 23 VAL 23 23 23 VAL VAL A . n 
A 1 24 VAL 24 24 24 VAL VAL A . n 
B 1 1  ORN 1  1  1  ORN ORN B . n 
B 1 2  VAL 2  2  2  VAL VAL B . n 
B 1 3  HIS 3  3  3  HIS HIS B . n 
B 1 4  HIS 4  4  4  HIS HIS B . n 
B 1 5  CYS 5  5  5  CYS CYS B . n 
B 1 6  LYS 6  6  6  LYS LYS B . n 
B 1 7  LEU 7  7  7  LEU LEU B . n 
B 1 8  VAL 8  8  8  VAL VAL B . n 
B 1 9  PHE 9  9  9  PHE PHE B . n 
B 1 10 PHE 10 10 10 PHE PHE B . n 
B 1 11 ALA 11 11 11 ALA ALA B . n 
B 1 12 GLU 12 12 12 GLU GLU B . n 
B 1 13 ORN 13 13 13 ORN ORN B . n 
B 1 14 ALA 14 14 14 ALA ALA B . n 
B 1 15 ILE 15 15 15 ILE ILE B . n 
B 1 16 ILE 16 16 16 ILE ILE B . n 
B 1 17 SAR 17 17 17 SAR SAR B . n 
B 1 18 LEU 18 18 18 LEU LEU B . n 
B 1 19 MET 19 19 19 MET MET B . n 
B 1 20 VAL 20 20 20 VAL VAL B . n 
B 1 21 CYS 21 21 21 CYS CYS B . n 
B 1 22 GLY 22 22 22 GLY GLY B . n 
B 1 23 VAL 23 23 23 VAL VAL B . n 
B 1 24 VAL 24 24 24 VAL VAL B . n 
# 
loop_
_pdbx_nonpoly_scheme.asym_id 
_pdbx_nonpoly_scheme.entity_id 
_pdbx_nonpoly_scheme.mon_id 
_pdbx_nonpoly_scheme.ndb_seq_num 
_pdbx_nonpoly_scheme.pdb_seq_num 
_pdbx_nonpoly_scheme.auth_seq_num 
_pdbx_nonpoly_scheme.pdb_mon_id 
_pdbx_nonpoly_scheme.auth_mon_id 
_pdbx_nonpoly_scheme.pdb_strand_id 
_pdbx_nonpoly_scheme.pdb_ins_code 
C 2 CL  1 101 1  CL  CL  A . 
D 3 HOH 1 201 1  HOH HOH A . 
D 3 HOH 2 202 6  HOH HOH A . 
D 3 HOH 3 203 8  HOH HOH A . 
D 3 HOH 4 204 10 HOH HOH A . 
D 3 HOH 5 205 7  HOH HOH A . 
E 3 HOH 1 101 2  HOH HOH B . 
E 3 HOH 2 102 4  HOH HOH B . 
E 3 HOH 3 103 3  HOH HOH B . 
E 3 HOH 4 104 5  HOH HOH B . 
E 3 HOH 5 105 11 HOH HOH B . 
E 3 HOH 6 106 9  HOH HOH B . 
# 
loop_
_pdbx_struct_mod_residue.id 
_pdbx_struct_mod_residue.label_asym_id 
_pdbx_struct_mod_residue.label_comp_id 
_pdbx_struct_mod_residue.label_seq_id 
_pdbx_struct_mod_residue.auth_asym_id 
_pdbx_struct_mod_residue.auth_comp_id 
_pdbx_struct_mod_residue.auth_seq_id 
_pdbx_struct_mod_residue.PDB_ins_code 
_pdbx_struct_mod_residue.parent_comp_id 
_pdbx_struct_mod_residue.details 
1 A SAR 17 A SAR 17 ? GLY 'modified residue' 
2 B SAR 17 B SAR 17 ? GLY 'modified residue' 
# 
_pdbx_struct_assembly.id                   1 
_pdbx_struct_assembly.details              author_and_software_defined_assembly 
_pdbx_struct_assembly.method_details       PISA 
_pdbx_struct_assembly.oligomeric_details   dimeric 
_pdbx_struct_assembly.oligomeric_count     2 
# 
_pdbx_struct_assembly_gen.assembly_id       1 
_pdbx_struct_assembly_gen.oper_expression   1 
_pdbx_struct_assembly_gen.asym_id_list      A,B,C,D,E 
# 
loop_
_pdbx_struct_assembly_prop.biol_id 
_pdbx_struct_assembly_prop.type 
_pdbx_struct_assembly_prop.value 
_pdbx_struct_assembly_prop.details 
1 'ABSA (A^2)' 640  ? 
1 MORE         -13  ? 
1 'SSA (A^2)'  4250 ? 
# 
_pdbx_struct_oper_list.id                   1 
_pdbx_struct_oper_list.type                 'identity operation' 
_pdbx_struct_oper_list.name                 1_555 
_pdbx_struct_oper_list.symmetry_operation   x,y,z 
_pdbx_struct_oper_list.matrix[1][1]         1.0000000000 
_pdbx_struct_oper_list.matrix[1][2]         0.0000000000 
_pdbx_struct_oper_list.matrix[1][3]         0.0000000000 
_pdbx_struct_oper_list.vector[1]            0.0000000000 
_pdbx_struct_oper_list.matrix[2][1]         0.0000000000 
_pdbx_struct_oper_list.matrix[2][2]         1.0000000000 
_pdbx_struct_oper_list.matrix[2][3]         0.0000000000 
_pdbx_struct_oper_list.vector[2]            0.0000000000 
_pdbx_struct_oper_list.matrix[3][1]         0.0000000000 
_pdbx_struct_oper_list.matrix[3][2]         0.0000000000 
_pdbx_struct_oper_list.matrix[3][3]         1.0000000000 
_pdbx_struct_oper_list.vector[3]            0.0000000000 
# 
loop_
_pdbx_audit_revision_history.ordinal 
_pdbx_audit_revision_history.data_content_type 
_pdbx_audit_revision_history.major_revision 
_pdbx_audit_revision_history.minor_revision 
_pdbx_audit_revision_history.revision_date 
1 'Structure model' 1 0 2022-08-31 
2 'Structure model' 1 1 2023-10-18 
3 'Structure model' 1 2 2023-12-13 
# 
_pdbx_audit_revision_details.ordinal             1 
_pdbx_audit_revision_details.revision_ordinal    1 
_pdbx_audit_revision_details.data_content_type   'Structure model' 
_pdbx_audit_revision_details.provider            repository 
_pdbx_audit_revision_details.type                'Initial release' 
_pdbx_audit_revision_details.description         ? 
_pdbx_audit_revision_details.details             ? 
# 
loop_
_pdbx_audit_revision_group.ordinal 
_pdbx_audit_revision_group.revision_ordinal 
_pdbx_audit_revision_group.data_content_type 
_pdbx_audit_revision_group.group 
1 2 'Structure model' 'Data collection'        
2 2 'Structure model' 'Refinement description' 
3 3 'Structure model' 'Database references'    
# 
loop_
_pdbx_audit_revision_category.ordinal 
_pdbx_audit_revision_category.revision_ordinal 
_pdbx_audit_revision_category.data_content_type 
_pdbx_audit_revision_category.category 
1 2 'Structure model' chem_comp_atom                
2 2 'Structure model' chem_comp_bond                
3 2 'Structure model' pdbx_initial_refinement_model 
4 3 'Structure model' citation                      
5 3 'Structure model' citation_author               
# 
loop_
_pdbx_audit_revision_item.ordinal 
_pdbx_audit_revision_item.revision_ordinal 
_pdbx_audit_revision_item.data_content_type 
_pdbx_audit_revision_item.item 
1 3 'Structure model' '_citation.country'              
2 3 'Structure model' '_citation.journal_abbrev'       
3 3 'Structure model' '_citation.journal_id_CSD'       
4 3 'Structure model' '_citation.journal_id_ISSN'      
5 3 'Structure model' '_citation.pdbx_database_id_DOI' 
6 3 'Structure model' '_citation.title'                
7 3 'Structure model' '_citation.year'                 
# 
loop_
_software.citation_id 
_software.classification 
_software.compiler_name 
_software.compiler_version 
_software.contact_author 
_software.contact_author_email 
_software.date 
_software.description 
_software.dependencies 
_software.hardware 
_software.language 
_software.location 
_software.mods 
_software.name 
_software.os 
_software.os_version 
_software.type 
_software.version 
_software.pdbx_ordinal 
? refinement        ? ? ? ? ? ? ? ? ? ? ? PHENIX      ? ? ? 1.19_4092 1 
? 'data extraction' ? ? ? ? ? ? ? ? ? ? ? PDB_EXTRACT ? ? ? 3.27      2 
? 'data reduction'  ? ? ? ? ? ? ? ? ? ? ? XDS         ? ? ? .         3 
? 'data scaling'    ? ? ? ? ? ? ? ? ? ? ? Aimless     ? ? ? .         4 
? phasing           ? ? ? ? ? ? ? ? ? ? ? PHASER      ? ? ? .         5 
# 
_pdbx_entry_details.entry_id                 7RTZ 
_pdbx_entry_details.has_ligand_of_interest   N 
_pdbx_entry_details.compound_details         ? 
_pdbx_entry_details.source_details           ? 
_pdbx_entry_details.nonpolymer_details       ? 
_pdbx_entry_details.sequence_details         ? 
# 
loop_
_pdbx_validate_close_contact.id 
_pdbx_validate_close_contact.PDB_model_num 
_pdbx_validate_close_contact.auth_atom_id_1 
_pdbx_validate_close_contact.auth_asym_id_1 
_pdbx_validate_close_contact.auth_comp_id_1 
_pdbx_validate_close_contact.auth_seq_id_1 
_pdbx_validate_close_contact.PDB_ins_code_1 
_pdbx_validate_close_contact.label_alt_id_1 
_pdbx_validate_close_contact.auth_atom_id_2 
_pdbx_validate_close_contact.auth_asym_id_2 
_pdbx_validate_close_contact.auth_comp_id_2 
_pdbx_validate_close_contact.auth_seq_id_2 
_pdbx_validate_close_contact.PDB_ins_code_2 
_pdbx_validate_close_contact.label_alt_id_2 
_pdbx_validate_close_contact.dist 
1 1 O B HOH 104 ? ? O B HOH 106 ? ? 2.04 
2 1 O B HOH 103 ? ? O B HOH 104 ? ? 2.08 
# 
_pdbx_validate_symm_contact.id                1 
_pdbx_validate_symm_contact.PDB_model_num     1 
_pdbx_validate_symm_contact.auth_atom_id_1    H 
_pdbx_validate_symm_contact.auth_asym_id_1    A 
_pdbx_validate_symm_contact.auth_comp_id_1    ORN 
_pdbx_validate_symm_contact.auth_seq_id_1     13 
_pdbx_validate_symm_contact.PDB_ins_code_1    ? 
_pdbx_validate_symm_contact.label_alt_id_1    ? 
_pdbx_validate_symm_contact.site_symmetry_1   1_555 
_pdbx_validate_symm_contact.auth_atom_id_2    O 
_pdbx_validate_symm_contact.auth_asym_id_2    B 
_pdbx_validate_symm_contact.auth_comp_id_2    VAL 
_pdbx_validate_symm_contact.auth_seq_id_2     23 
_pdbx_validate_symm_contact.PDB_ins_code_2    ? 
_pdbx_validate_symm_contact.label_alt_id_2    ? 
_pdbx_validate_symm_contact.site_symmetry_2   7_556 
_pdbx_validate_symm_contact.dist              1.52 
# 
loop_
_chem_comp_atom.comp_id 
_chem_comp_atom.atom_id 
_chem_comp_atom.type_symbol 
_chem_comp_atom.pdbx_aromatic_flag 
_chem_comp_atom.pdbx_stereo_config 
_chem_comp_atom.pdbx_ordinal 
ALA N    N  N N 1   
ALA CA   C  N S 2   
ALA C    C  N N 3   
ALA O    O  N N 4   
ALA CB   C  N N 5   
ALA OXT  O  N N 6   
ALA H    H  N N 7   
ALA H2   H  N N 8   
ALA HA   H  N N 9   
ALA HB1  H  N N 10  
ALA HB2  H  N N 11  
ALA HB3  H  N N 12  
ALA HXT  H  N N 13  
ASN N    N  N N 14  
ASN CA   C  N S 15  
ASN C    C  N N 16  
ASN O    O  N N 17  
ASN CB   C  N N 18  
ASN CG   C  N N 19  
ASN OD1  O  N N 20  
ASN ND2  N  N N 21  
ASN OXT  O  N N 22  
ASN H    H  N N 23  
ASN H2   H  N N 24  
ASN HA   H  N N 25  
ASN HB2  H  N N 26  
ASN HB3  H  N N 27  
ASN HD21 H  N N 28  
ASN HD22 H  N N 29  
ASN HXT  H  N N 30  
ASP N    N  N N 31  
ASP CA   C  N S 32  
ASP C    C  N N 33  
ASP O    O  N N 34  
ASP CB   C  N N 35  
ASP CG   C  N N 36  
ASP OD1  O  N N 37  
ASP OD2  O  N N 38  
ASP OXT  O  N N 39  
ASP H    H  N N 40  
ASP H2   H  N N 41  
ASP HA   H  N N 42  
ASP HB2  H  N N 43  
ASP HB3  H  N N 44  
ASP HD2  H  N N 45  
ASP HXT  H  N N 46  
CL  CL   CL N N 47  
CYS N    N  N N 48  
CYS CA   C  N R 49  
CYS C    C  N N 50  
CYS O    O  N N 51  
CYS CB   C  N N 52  
CYS SG   S  N N 53  
CYS OXT  O  N N 54  
CYS H    H  N N 55  
CYS H2   H  N N 56  
CYS HA   H  N N 57  
CYS HB2  H  N N 58  
CYS HB3  H  N N 59  
CYS HG   H  N N 60  
CYS HXT  H  N N 61  
GLN N    N  N N 62  
GLN CA   C  N S 63  
GLN C    C  N N 64  
GLN O    O  N N 65  
GLN CB   C  N N 66  
GLN CG   C  N N 67  
GLN CD   C  N N 68  
GLN OE1  O  N N 69  
GLN NE2  N  N N 70  
GLN OXT  O  N N 71  
GLN H    H  N N 72  
GLN H2   H  N N 73  
GLN HA   H  N N 74  
GLN HB2  H  N N 75  
GLN HB3  H  N N 76  
GLN HG2  H  N N 77  
GLN HG3  H  N N 78  
GLN HE21 H  N N 79  
GLN HE22 H  N N 80  
GLN HXT  H  N N 81  
GLU N    N  N N 82  
GLU CA   C  N S 83  
GLU C    C  N N 84  
GLU O    O  N N 85  
GLU CB   C  N N 86  
GLU CG   C  N N 87  
GLU CD   C  N N 88  
GLU OE1  O  N N 89  
GLU OE2  O  N N 90  
GLU OXT  O  N N 91  
GLU H    H  N N 92  
GLU H2   H  N N 93  
GLU HA   H  N N 94  
GLU HB2  H  N N 95  
GLU HB3  H  N N 96  
GLU HG2  H  N N 97  
GLU HG3  H  N N 98  
GLU HE2  H  N N 99  
GLU HXT  H  N N 100 
GLY N    N  N N 101 
GLY CA   C  N N 102 
GLY C    C  N N 103 
GLY O    O  N N 104 
GLY OXT  O  N N 105 
GLY H    H  N N 106 
GLY H2   H  N N 107 
GLY HA2  H  N N 108 
GLY HA3  H  N N 109 
GLY HXT  H  N N 110 
HIS N    N  N N 111 
HIS CA   C  N S 112 
HIS C    C  N N 113 
HIS O    O  N N 114 
HIS CB   C  N N 115 
HIS CG   C  Y N 116 
HIS ND1  N  Y N 117 
HIS CD2  C  Y N 118 
HIS CE1  C  Y N 119 
HIS NE2  N  Y N 120 
HIS OXT  O  N N 121 
HIS H    H  N N 122 
HIS H2   H  N N 123 
HIS HA   H  N N 124 
HIS HB2  H  N N 125 
HIS HB3  H  N N 126 
HIS HD1  H  N N 127 
HIS HD2  H  N N 128 
HIS HE1  H  N N 129 
HIS HE2  H  N N 130 
HIS HXT  H  N N 131 
HOH O    O  N N 132 
HOH H1   H  N N 133 
HOH H2   H  N N 134 
ILE N    N  N N 135 
ILE CA   C  N S 136 
ILE C    C  N N 137 
ILE O    O  N N 138 
ILE CB   C  N S 139 
ILE CG1  C  N N 140 
ILE CG2  C  N N 141 
ILE CD1  C  N N 142 
ILE OXT  O  N N 143 
ILE H    H  N N 144 
ILE H2   H  N N 145 
ILE HA   H  N N 146 
ILE HB   H  N N 147 
ILE HG12 H  N N 148 
ILE HG13 H  N N 149 
ILE HG21 H  N N 150 
ILE HG22 H  N N 151 
ILE HG23 H  N N 152 
ILE HD11 H  N N 153 
ILE HD12 H  N N 154 
ILE HD13 H  N N 155 
ILE HXT  H  N N 156 
LEU N    N  N N 157 
LEU CA   C  N S 158 
LEU C    C  N N 159 
LEU O    O  N N 160 
LEU CB   C  N N 161 
LEU CG   C  N N 162 
LEU CD1  C  N N 163 
LEU CD2  C  N N 164 
LEU OXT  O  N N 165 
LEU H    H  N N 166 
LEU H2   H  N N 167 
LEU HA   H  N N 168 
LEU HB2  H  N N 169 
LEU HB3  H  N N 170 
LEU HG   H  N N 171 
LEU HD11 H  N N 172 
LEU HD12 H  N N 173 
LEU HD13 H  N N 174 
LEU HD21 H  N N 175 
LEU HD22 H  N N 176 
LEU HD23 H  N N 177 
LEU HXT  H  N N 178 
LYS N    N  N N 179 
LYS CA   C  N S 180 
LYS C    C  N N 181 
LYS O    O  N N 182 
LYS CB   C  N N 183 
LYS CG   C  N N 184 
LYS CD   C  N N 185 
LYS CE   C  N N 186 
LYS NZ   N  N N 187 
LYS OXT  O  N N 188 
LYS H    H  N N 189 
LYS H2   H  N N 190 
LYS HA   H  N N 191 
LYS HB2  H  N N 192 
LYS HB3  H  N N 193 
LYS HG2  H  N N 194 
LYS HG3  H  N N 195 
LYS HD2  H  N N 196 
LYS HD3  H  N N 197 
LYS HE2  H  N N 198 
LYS HE3  H  N N 199 
LYS HZ1  H  N N 200 
LYS HZ2  H  N N 201 
LYS HZ3  H  N N 202 
LYS HXT  H  N N 203 
MET N    N  N N 204 
MET CA   C  N S 205 
MET C    C  N N 206 
MET O    O  N N 207 
MET CB   C  N N 208 
MET CG   C  N N 209 
MET SD   S  N N 210 
MET CE   C  N N 211 
MET OXT  O  N N 212 
MET H    H  N N 213 
MET H2   H  N N 214 
MET HA   H  N N 215 
MET HB2  H  N N 216 
MET HB3  H  N N 217 
MET HG2  H  N N 218 
MET HG3  H  N N 219 
MET HE1  H  N N 220 
MET HE2  H  N N 221 
MET HE3  H  N N 222 
MET HXT  H  N N 223 
ORN N    N  N N 224 
ORN CA   C  N S 225 
ORN CB   C  N N 226 
ORN CG   C  N N 227 
ORN CD   C  N N 228 
ORN NE   N  N N 229 
ORN C    C  N N 230 
ORN O    O  N N 231 
ORN OXT  O  N N 232 
ORN H    H  N N 233 
ORN H2   H  N N 234 
ORN HA   H  N N 235 
ORN HB2  H  N N 236 
ORN HB3  H  N N 237 
ORN HG2  H  N N 238 
ORN HG3  H  N N 239 
ORN HD2  H  N N 240 
ORN HD3  H  N N 241 
ORN HE1  H  N N 242 
ORN HE2  H  N N 243 
ORN HXT  H  N N 244 
PHE N    N  N N 245 
PHE CA   C  N S 246 
PHE C    C  N N 247 
PHE O    O  N N 248 
PHE CB   C  N N 249 
PHE CG   C  Y N 250 
PHE CD1  C  Y N 251 
PHE CD2  C  Y N 252 
PHE CE1  C  Y N 253 
PHE CE2  C  Y N 254 
PHE CZ   C  Y N 255 
PHE OXT  O  N N 256 
PHE H    H  N N 257 
PHE H2   H  N N 258 
PHE HA   H  N N 259 
PHE HB2  H  N N 260 
PHE HB3  H  N N 261 
PHE HD1  H  N N 262 
PHE HD2  H  N N 263 
PHE HE1  H  N N 264 
PHE HE2  H  N N 265 
PHE HZ   H  N N 266 
PHE HXT  H  N N 267 
SAR N    N  N N 268 
SAR CA   C  N N 269 
SAR C    C  N N 270 
SAR O    O  N N 271 
SAR CN   C  N N 272 
SAR OXT  O  N N 273 
SAR H    H  N N 274 
SAR HA2  H  N N 275 
SAR HA3  H  N N 276 
SAR HN1  H  N N 277 
SAR HN2  H  N N 278 
SAR HN3  H  N N 279 
SAR HXT  H  N N 280 
SER N    N  N N 281 
SER CA   C  N S 282 
SER C    C  N N 283 
SER O    O  N N 284 
SER CB   C  N N 285 
SER OG   O  N N 286 
SER OXT  O  N N 287 
SER H    H  N N 288 
SER H2   H  N N 289 
SER HA   H  N N 290 
SER HB2  H  N N 291 
SER HB3  H  N N 292 
SER HG   H  N N 293 
SER HXT  H  N N 294 
VAL N    N  N N 295 
VAL CA   C  N S 296 
VAL C    C  N N 297 
VAL O    O  N N 298 
VAL CB   C  N N 299 
VAL CG1  C  N N 300 
VAL CG2  C  N N 301 
VAL OXT  O  N N 302 
VAL H    H  N N 303 
VAL H2   H  N N 304 
VAL HA   H  N N 305 
VAL HB   H  N N 306 
VAL HG11 H  N N 307 
VAL HG12 H  N N 308 
VAL HG13 H  N N 309 
VAL HG21 H  N N 310 
VAL HG22 H  N N 311 
VAL HG23 H  N N 312 
VAL HXT  H  N N 313 
# 
loop_
_chem_comp_bond.comp_id 
_chem_comp_bond.atom_id_1 
_chem_comp_bond.atom_id_2 
_chem_comp_bond.value_order 
_chem_comp_bond.pdbx_aromatic_flag 
_chem_comp_bond.pdbx_stereo_config 
_chem_comp_bond.pdbx_ordinal 
ALA N   CA   sing N N 1   
ALA N   H    sing N N 2   
ALA N   H2   sing N N 3   
ALA CA  C    sing N N 4   
ALA CA  CB   sing N N 5   
ALA CA  HA   sing N N 6   
ALA C   O    doub N N 7   
ALA C   OXT  sing N N 8   
ALA CB  HB1  sing N N 9   
ALA CB  HB2  sing N N 10  
ALA CB  HB3  sing N N 11  
ALA OXT HXT  sing N N 12  
ASN N   CA   sing N N 13  
ASN N   H    sing N N 14  
ASN N   H2   sing N N 15  
ASN CA  C    sing N N 16  
ASN CA  CB   sing N N 17  
ASN CA  HA   sing N N 18  
ASN C   O    doub N N 19  
ASN C   OXT  sing N N 20  
ASN CB  CG   sing N N 21  
ASN CB  HB2  sing N N 22  
ASN CB  HB3  sing N N 23  
ASN CG  OD1  doub N N 24  
ASN CG  ND2  sing N N 25  
ASN ND2 HD21 sing N N 26  
ASN ND2 HD22 sing N N 27  
ASN OXT HXT  sing N N 28  
ASP N   CA   sing N N 29  
ASP N   H    sing N N 30  
ASP N   H2   sing N N 31  
ASP CA  C    sing N N 32  
ASP CA  CB   sing N N 33  
ASP CA  HA   sing N N 34  
ASP C   O    doub N N 35  
ASP C   OXT  sing N N 36  
ASP CB  CG   sing N N 37  
ASP CB  HB2  sing N N 38  
ASP CB  HB3  sing N N 39  
ASP CG  OD1  doub N N 40  
ASP CG  OD2  sing N N 41  
ASP OD2 HD2  sing N N 42  
ASP OXT HXT  sing N N 43  
CYS N   CA   sing N N 44  
CYS N   H    sing N N 45  
CYS N   H2   sing N N 46  
CYS CA  C    sing N N 47  
CYS CA  CB   sing N N 48  
CYS CA  HA   sing N N 49  
CYS C   O    doub N N 50  
CYS C   OXT  sing N N 51  
CYS CB  SG   sing N N 52  
CYS CB  HB2  sing N N 53  
CYS CB  HB3  sing N N 54  
CYS SG  HG   sing N N 55  
CYS OXT HXT  sing N N 56  
GLN N   CA   sing N N 57  
GLN N   H    sing N N 58  
GLN N   H2   sing N N 59  
GLN CA  C    sing N N 60  
GLN CA  CB   sing N N 61  
GLN CA  HA   sing N N 62  
GLN C   O    doub N N 63  
GLN C   OXT  sing N N 64  
GLN CB  CG   sing N N 65  
GLN CB  HB2  sing N N 66  
GLN CB  HB3  sing N N 67  
GLN CG  CD   sing N N 68  
GLN CG  HG2  sing N N 69  
GLN CG  HG3  sing N N 70  
GLN CD  OE1  doub N N 71  
GLN CD  NE2  sing N N 72  
GLN NE2 HE21 sing N N 73  
GLN NE2 HE22 sing N N 74  
GLN OXT HXT  sing N N 75  
GLU N   CA   sing N N 76  
GLU N   H    sing N N 77  
GLU N   H2   sing N N 78  
GLU CA  C    sing N N 79  
GLU CA  CB   sing N N 80  
GLU CA  HA   sing N N 81  
GLU C   O    doub N N 82  
GLU C   OXT  sing N N 83  
GLU CB  CG   sing N N 84  
GLU CB  HB2  sing N N 85  
GLU CB  HB3  sing N N 86  
GLU CG  CD   sing N N 87  
GLU CG  HG2  sing N N 88  
GLU CG  HG3  sing N N 89  
GLU CD  OE1  doub N N 90  
GLU CD  OE2  sing N N 91  
GLU OE2 HE2  sing N N 92  
GLU OXT HXT  sing N N 93  
GLY N   CA   sing N N 94  
GLY N   H    sing N N 95  
GLY N   H2   sing N N 96  
GLY CA  C    sing N N 97  
GLY CA  HA2  sing N N 98  
GLY CA  HA3  sing N N 99  
GLY C   O    doub N N 100 
GLY C   OXT  sing N N 101 
GLY OXT HXT  sing N N 102 
HIS N   CA   sing N N 103 
HIS N   H    sing N N 104 
HIS N   H2   sing N N 105 
HIS CA  C    sing N N 106 
HIS CA  CB   sing N N 107 
HIS CA  HA   sing N N 108 
HIS C   O    doub N N 109 
HIS C   OXT  sing N N 110 
HIS CB  CG   sing N N 111 
HIS CB  HB2  sing N N 112 
HIS CB  HB3  sing N N 113 
HIS CG  ND1  sing Y N 114 
HIS CG  CD2  doub Y N 115 
HIS ND1 CE1  doub Y N 116 
HIS ND1 HD1  sing N N 117 
HIS CD2 NE2  sing Y N 118 
HIS CD2 HD2  sing N N 119 
HIS CE1 NE2  sing Y N 120 
HIS CE1 HE1  sing N N 121 
HIS NE2 HE2  sing N N 122 
HIS OXT HXT  sing N N 123 
HOH O   H1   sing N N 124 
HOH O   H2   sing N N 125 
ILE N   CA   sing N N 126 
ILE N   H    sing N N 127 
ILE N   H2   sing N N 128 
ILE CA  C    sing N N 129 
ILE CA  CB   sing N N 130 
ILE CA  HA   sing N N 131 
ILE C   O    doub N N 132 
ILE C   OXT  sing N N 133 
ILE CB  CG1  sing N N 134 
ILE CB  CG2  sing N N 135 
ILE CB  HB   sing N N 136 
ILE CG1 CD1  sing N N 137 
ILE CG1 HG12 sing N N 138 
ILE CG1 HG13 sing N N 139 
ILE CG2 HG21 sing N N 140 
ILE CG2 HG22 sing N N 141 
ILE CG2 HG23 sing N N 142 
ILE CD1 HD11 sing N N 143 
ILE CD1 HD12 sing N N 144 
ILE CD1 HD13 sing N N 145 
ILE OXT HXT  sing N N 146 
LEU N   CA   sing N N 147 
LEU N   H    sing N N 148 
LEU N   H2   sing N N 149 
LEU CA  C    sing N N 150 
LEU CA  CB   sing N N 151 
LEU CA  HA   sing N N 152 
LEU C   O    doub N N 153 
LEU C   OXT  sing N N 154 
LEU CB  CG   sing N N 155 
LEU CB  HB2  sing N N 156 
LEU CB  HB3  sing N N 157 
LEU CG  CD1  sing N N 158 
LEU CG  CD2  sing N N 159 
LEU CG  HG   sing N N 160 
LEU CD1 HD11 sing N N 161 
LEU CD1 HD12 sing N N 162 
LEU CD1 HD13 sing N N 163 
LEU CD2 HD21 sing N N 164 
LEU CD2 HD22 sing N N 165 
LEU CD2 HD23 sing N N 166 
LEU OXT HXT  sing N N 167 
LYS N   CA   sing N N 168 
LYS N   H    sing N N 169 
LYS N   H2   sing N N 170 
LYS CA  C    sing N N 171 
LYS CA  CB   sing N N 172 
LYS CA  HA   sing N N 173 
LYS C   O    doub N N 174 
LYS C   OXT  sing N N 175 
LYS CB  CG   sing N N 176 
LYS CB  HB2  sing N N 177 
LYS CB  HB3  sing N N 178 
LYS CG  CD   sing N N 179 
LYS CG  HG2  sing N N 180 
LYS CG  HG3  sing N N 181 
LYS CD  CE   sing N N 182 
LYS CD  HD2  sing N N 183 
LYS CD  HD3  sing N N 184 
LYS CE  NZ   sing N N 185 
LYS CE  HE2  sing N N 186 
LYS CE  HE3  sing N N 187 
LYS NZ  HZ1  sing N N 188 
LYS NZ  HZ2  sing N N 189 
LYS NZ  HZ3  sing N N 190 
LYS OXT HXT  sing N N 191 
MET N   CA   sing N N 192 
MET N   H    sing N N 193 
MET N   H2   sing N N 194 
MET CA  C    sing N N 195 
MET CA  CB   sing N N 196 
MET CA  HA   sing N N 197 
MET C   O    doub N N 198 
MET C   OXT  sing N N 199 
MET CB  CG   sing N N 200 
MET CB  HB2  sing N N 201 
MET CB  HB3  sing N N 202 
MET CG  SD   sing N N 203 
MET CG  HG2  sing N N 204 
MET CG  HG3  sing N N 205 
MET SD  CE   sing N N 206 
MET CE  HE1  sing N N 207 
MET CE  HE2  sing N N 208 
MET CE  HE3  sing N N 209 
MET OXT HXT  sing N N 210 
ORN N   CA   sing N N 211 
ORN N   H    sing N N 212 
ORN N   H2   sing N N 213 
ORN CA  CB   sing N N 214 
ORN CA  C    sing N N 215 
ORN CA  HA   sing N N 216 
ORN CB  CG   sing N N 217 
ORN CB  HB2  sing N N 218 
ORN CB  HB3  sing N N 219 
ORN CG  CD   sing N N 220 
ORN CG  HG2  sing N N 221 
ORN CG  HG3  sing N N 222 
ORN CD  NE   sing N N 223 
ORN CD  HD2  sing N N 224 
ORN CD  HD3  sing N N 225 
ORN NE  HE1  sing N N 226 
ORN NE  HE2  sing N N 227 
ORN C   O    doub N N 228 
ORN C   OXT  sing N N 229 
ORN OXT HXT  sing N N 230 
PHE N   CA   sing N N 231 
PHE N   H    sing N N 232 
PHE N   H2   sing N N 233 
PHE CA  C    sing N N 234 
PHE CA  CB   sing N N 235 
PHE CA  HA   sing N N 236 
PHE C   O    doub N N 237 
PHE C   OXT  sing N N 238 
PHE CB  CG   sing N N 239 
PHE CB  HB2  sing N N 240 
PHE CB  HB3  sing N N 241 
PHE CG  CD1  doub Y N 242 
PHE CG  CD2  sing Y N 243 
PHE CD1 CE1  sing Y N 244 
PHE CD1 HD1  sing N N 245 
PHE CD2 CE2  doub Y N 246 
PHE CD2 HD2  sing N N 247 
PHE CE1 CZ   doub Y N 248 
PHE CE1 HE1  sing N N 249 
PHE CE2 CZ   sing Y N 250 
PHE CE2 HE2  sing N N 251 
PHE CZ  HZ   sing N N 252 
PHE OXT HXT  sing N N 253 
SAR N   CA   sing N N 254 
SAR N   CN   sing N N 255 
SAR N   H    sing N N 256 
SAR CA  C    sing N N 257 
SAR CA  HA2  sing N N 258 
SAR CA  HA3  sing N N 259 
SAR C   O    doub N N 260 
SAR C   OXT  sing N N 261 
SAR CN  HN1  sing N N 262 
SAR CN  HN2  sing N N 263 
SAR CN  HN3  sing N N 264 
SAR OXT HXT  sing N N 265 
SER N   CA   sing N N 266 
SER N   H    sing N N 267 
SER N   H2   sing N N 268 
SER CA  C    sing N N 269 
SER CA  CB   sing N N 270 
SER CA  HA   sing N N 271 
SER C   O    doub N N 272 
SER C   OXT  sing N N 273 
SER CB  OG   sing N N 274 
SER CB  HB2  sing N N 275 
SER CB  HB3  sing N N 276 
SER OG  HG   sing N N 277 
SER OXT HXT  sing N N 278 
VAL N   CA   sing N N 279 
VAL N   H    sing N N 280 
VAL N   H2   sing N N 281 
VAL CA  C    sing N N 282 
VAL CA  CB   sing N N 283 
VAL CA  HA   sing N N 284 
VAL C   O    doub N N 285 
VAL C   OXT  sing N N 286 
VAL CB  CG1  sing N N 287 
VAL CB  CG2  sing N N 288 
VAL CB  HB   sing N N 289 
VAL CG1 HG11 sing N N 290 
VAL CG1 HG12 sing N N 291 
VAL CG1 HG13 sing N N 292 
VAL CG2 HG21 sing N N 293 
VAL CG2 HG22 sing N N 294 
VAL CG2 HG23 sing N N 295 
VAL OXT HXT  sing N N 296 
# 
loop_
_pdbx_audit_support.funding_organization 
_pdbx_audit_support.country 
_pdbx_audit_support.grant_number 
_pdbx_audit_support.ordinal 
'National Institutes of Health/National Institute of General Medical Sciences (NIH/NIGMS)' 'United States' GM097562 1 
'National Institutes of Health/National Institute on Aging (NIH/NIA)'                      'United States' ?        2 
# 
loop_
_pdbx_entity_nonpoly.entity_id 
_pdbx_entity_nonpoly.name 
_pdbx_entity_nonpoly.comp_id 
2 'CHLORIDE ION' CL  
3 water          HOH 
# 
_pdbx_initial_refinement_model.id               1 
_pdbx_initial_refinement_model.entity_id_list   ? 
_pdbx_initial_refinement_model.type             'experimental model' 
_pdbx_initial_refinement_model.source_name      PDB 
_pdbx_initial_refinement_model.accession_code   6WXM 
_pdbx_initial_refinement_model.details          ? 
# 
_pdbx_struct_assembly_auth_evidence.id                     1 
_pdbx_struct_assembly_auth_evidence.assembly_id            1 
_pdbx_struct_assembly_auth_evidence.experimental_support   none 
_pdbx_struct_assembly_auth_evidence.details                ? 
# 
